data_7B5T
#
_entry.id   7B5T
#
_cell.length_a   114.180
_cell.length_b   114.180
_cell.length_c   240.480
_cell.angle_alpha   90.000
_cell.angle_beta   90.000
_cell.angle_gamma   90.000
#
_symmetry.space_group_name_H-M   'I 4'
#
loop_
_entity.id
_entity.type
_entity.pdbx_description
1 polymer 'GntR family transcriptional regulator'
2 water water
#
_entity_poly.entity_id   1
_entity_poly.type   'polypeptide(L)'
_entity_poly.pdbx_seq_one_letter_code
;GP(MSE)VSEQSEIVTSKYQKIAVAVAQRIANGDYEVGEKLKSRTTIASTFNVSPETARKGLNILADLQILTLKHGSGAI
ILSKEKAIEFLNQYETSHSVAILKGKIRDNIKAQQQE(MSE)EELATLVDDFLLQTRAVSKQYPLAPYEIIVSEDSEHLG
KSIGELNVWHQTGATIVAIEHEGKFIVSPGPFSVIEQGDHIFFVGDEDVYAR(MSE)KTYFNLR(MSE)GL
;
_entity_poly.pdbx_strand_id   A,B,D,C
#
# COMPACT_ATOMS: atom_id res chain seq x y z
N PRO A 2 2.74 37.66 30.52
CA PRO A 2 3.03 37.08 29.20
C PRO A 2 2.68 35.60 29.14
N MSE A 3 2.66 34.94 30.29
CA MSE A 3 2.33 33.52 30.35
C MSE A 3 0.91 33.32 30.86
O MSE A 3 0.32 34.23 31.45
CB MSE A 3 3.31 32.78 31.24
CG MSE A 3 3.63 31.37 30.80
SE MSE A 3 5.08 31.31 29.50
CE MSE A 3 6.59 31.10 30.73
N VAL A 4 0.35 32.14 30.62
CA VAL A 4 -0.94 31.78 31.19
C VAL A 4 -0.79 31.67 32.70
N SER A 5 -1.64 32.39 33.44
CA SER A 5 -1.61 32.30 34.89
C SER A 5 -1.99 30.88 35.33
N GLU A 6 -1.35 30.41 36.40
CA GLU A 6 -1.57 29.04 36.85
C GLU A 6 -3.02 28.80 37.24
N GLN A 7 -3.62 29.76 37.94
CA GLN A 7 -5.03 29.65 38.28
C GLN A 7 -5.94 29.76 37.06
N SER A 8 -5.44 30.31 35.96
CA SER A 8 -6.26 30.46 34.77
C SER A 8 -6.25 29.16 33.99
N GLU A 9 -7.42 28.55 33.82
CA GLU A 9 -7.55 27.33 33.03
C GLU A 9 -7.85 27.70 31.58
N ILE A 10 -7.11 27.09 30.66
CA ILE A 10 -7.28 27.35 29.23
C ILE A 10 -8.63 26.79 28.79
N VAL A 11 -9.49 27.67 28.26
CA VAL A 11 -10.84 27.32 27.85
C VAL A 11 -11.16 28.04 26.54
N THR A 12 -12.34 27.77 26.00
CA THR A 12 -12.87 28.45 24.83
C THR A 12 -14.04 29.34 25.25
N SER A 13 -14.63 30.03 24.28
CA SER A 13 -15.64 31.03 24.56
C SER A 13 -16.96 30.38 24.95
N LYS A 14 -17.44 30.68 26.16
CA LYS A 14 -18.68 30.12 26.68
C LYS A 14 -19.87 30.39 25.77
N TYR A 15 -19.90 31.53 25.07
CA TYR A 15 -21.05 31.84 24.23
C TYR A 15 -21.21 30.81 23.13
N GLN A 16 -20.09 30.37 22.53
CA GLN A 16 -20.15 29.31 21.53
C GLN A 16 -20.71 28.02 22.12
N LYS A 17 -20.30 27.69 23.35
CA LYS A 17 -20.79 26.50 24.04
C LYS A 17 -22.31 26.55 24.20
N ILE A 18 -22.83 27.68 24.67
CA ILE A 18 -24.27 27.86 24.84
C ILE A 18 -24.99 27.67 23.51
N ALA A 19 -24.48 28.33 22.46
CA ALA A 19 -25.05 28.20 21.13
C ALA A 19 -25.14 26.75 20.69
N VAL A 20 -24.04 26.00 20.87
CA VAL A 20 -24.01 24.61 20.44
C VAL A 20 -25.05 23.80 21.23
N ALA A 21 -25.12 24.02 22.54
CA ALA A 21 -26.08 23.27 23.36
C ALA A 21 -27.52 23.50 22.90
N VAL A 22 -27.92 24.77 22.77
CA VAL A 22 -29.31 25.04 22.40
C VAL A 22 -29.59 24.62 20.97
N ALA A 23 -28.61 24.77 20.07
CA ALA A 23 -28.79 24.30 18.69
C ALA A 23 -28.95 22.78 18.65
N GLN A 24 -28.21 22.06 19.50
CA GLN A 24 -28.39 20.61 19.59
C GLN A 24 -29.80 20.26 20.04
N ARG A 25 -30.32 20.98 21.04
CA ARG A 25 -31.69 20.73 21.47
C ARG A 25 -32.68 20.98 20.33
N ILE A 26 -32.49 22.08 19.60
CA ILE A 26 -33.36 22.38 18.45
C ILE A 26 -33.31 21.25 17.43
N ALA A 27 -32.10 20.75 17.14
CA ALA A 27 -31.93 19.71 16.12
C ALA A 27 -32.52 18.39 16.58
N ASN A 28 -32.51 18.13 17.89
CA ASN A 28 -33.13 16.94 18.45
C ASN A 28 -34.65 17.04 18.43
N GLY A 29 -35.18 18.25 18.52
CA GLY A 29 -36.62 18.46 18.47
C GLY A 29 -37.20 18.81 19.82
N ASP A 30 -36.36 18.89 20.86
CA ASP A 30 -36.83 19.32 22.16
C ASP A 30 -37.40 20.73 22.08
N TYR A 31 -36.76 21.59 21.29
CA TYR A 31 -37.26 22.94 20.98
C TYR A 31 -37.79 22.91 19.55
N GLU A 32 -39.11 22.84 19.41
CA GLU A 32 -39.65 22.76 18.06
C GLU A 32 -39.55 24.11 17.33
N VAL A 33 -39.83 24.07 16.04
CA VAL A 33 -39.60 25.21 15.17
C VAL A 33 -40.48 26.39 15.58
N GLY A 34 -41.79 26.18 15.67
CA GLY A 34 -42.64 27.27 16.09
C GLY A 34 -42.60 27.56 17.57
N GLU A 35 -42.05 26.65 18.36
CA GLU A 35 -41.97 26.84 19.80
C GLU A 35 -40.98 27.96 20.12
N LYS A 36 -41.34 28.79 21.09
CA LYS A 36 -40.52 29.91 21.52
C LYS A 36 -39.80 29.53 22.81
N LEU A 37 -38.61 30.08 23.01
CA LEU A 37 -37.87 29.80 24.22
C LEU A 37 -38.32 30.70 25.36
N LYS A 38 -37.89 30.36 26.56
CA LYS A 38 -38.30 31.05 27.77
C LYS A 38 -37.51 32.36 27.92
N SER A 39 -37.74 33.04 29.04
CA SER A 39 -37.10 34.32 29.27
C SER A 39 -35.57 34.17 29.21
N ARG A 40 -34.91 35.32 29.11
CA ARG A 40 -33.46 35.38 29.07
C ARG A 40 -32.87 34.93 30.40
N THR A 41 -33.60 35.14 31.51
CA THR A 41 -33.11 34.68 32.81
C THR A 41 -33.37 33.20 33.03
N THR A 42 -34.45 32.65 32.47
CA THR A 42 -34.79 31.25 32.67
C THR A 42 -33.83 30.32 31.94
N ILE A 43 -33.41 30.69 30.73
CA ILE A 43 -32.42 29.90 30.01
C ILE A 43 -31.09 29.92 30.74
N ALA A 44 -30.77 31.05 31.40
CA ALA A 44 -29.59 31.10 32.24
C ALA A 44 -29.67 30.08 33.37
N SER A 45 -30.85 29.93 33.97
CA SER A 45 -31.05 28.97 35.05
C SER A 45 -30.91 27.53 34.58
N THR A 46 -31.22 27.27 33.30
CA THR A 46 -31.11 25.91 32.79
C THR A 46 -29.68 25.37 32.95
N PHE A 47 -28.67 26.18 32.59
CA PHE A 47 -27.26 25.82 32.74
C PHE A 47 -26.55 26.48 33.91
N ASN A 48 -27.29 27.12 34.83
CA ASN A 48 -26.76 27.89 35.99
C ASN A 48 -25.72 28.93 35.56
N VAL A 49 -25.98 29.60 34.44
CA VAL A 49 -25.06 30.54 33.83
C VAL A 49 -25.68 31.94 33.84
N SER A 50 -24.86 32.94 33.50
CA SER A 50 -25.35 34.32 33.47
C SER A 50 -26.37 34.53 32.34
N PRO A 51 -27.36 35.39 32.57
CA PRO A 51 -28.30 35.71 31.47
C PRO A 51 -27.65 36.46 30.32
N GLU A 52 -26.66 37.32 30.59
CA GLU A 52 -26.03 38.08 29.50
C GLU A 52 -25.22 37.15 28.60
N THR A 53 -24.49 36.20 29.17
CA THR A 53 -23.75 35.23 28.36
C THR A 53 -24.71 34.36 27.55
N ALA A 54 -25.85 33.98 28.15
CA ALA A 54 -26.85 33.24 27.39
C ALA A 54 -27.38 34.06 26.22
N ARG A 55 -27.52 35.38 26.41
CA ARG A 55 -27.96 36.24 25.33
C ARG A 55 -26.95 36.26 24.19
N LYS A 56 -25.66 36.31 24.52
CA LYS A 56 -24.61 36.29 23.50
C LYS A 56 -24.59 34.95 22.77
N GLY A 57 -24.73 33.87 23.52
CA GLY A 57 -24.86 32.56 22.89
C GLY A 57 -26.01 32.51 21.91
N LEU A 58 -27.15 33.09 22.27
CA LEU A 58 -28.29 33.13 21.38
C LEU A 58 -28.07 34.09 20.21
N ASN A 59 -27.28 35.14 20.42
CA ASN A 59 -26.89 36.04 19.33
C ASN A 59 -26.05 35.33 18.29
N ILE A 60 -25.24 34.35 18.70
CA ILE A 60 -24.51 33.55 17.72
C ILE A 60 -25.49 32.86 16.78
N LEU A 61 -26.49 32.18 17.34
CA LEU A 61 -27.46 31.47 16.51
C LEU A 61 -28.36 32.44 15.75
N ALA A 62 -28.58 33.64 16.28
CA ALA A 62 -29.32 34.66 15.54
C ALA A 62 -28.56 35.07 14.28
N ASP A 63 -27.27 35.37 14.43
CA ASP A 63 -26.44 35.69 13.28
C ASP A 63 -26.37 34.52 12.31
N LEU A 64 -26.45 33.30 12.83
CA LEU A 64 -26.47 32.13 11.97
C LEU A 64 -27.88 31.78 11.51
N GLN A 65 -28.85 32.62 11.86
CA GLN A 65 -30.22 32.57 11.34
C GLN A 65 -30.94 31.25 11.67
N ILE A 66 -30.59 30.64 12.82
CA ILE A 66 -31.35 29.49 13.32
C ILE A 66 -32.52 29.95 14.18
N LEU A 67 -32.40 31.12 14.81
CA LEU A 67 -33.44 31.69 15.66
C LEU A 67 -33.39 33.20 15.50
N THR A 68 -34.44 33.86 15.98
CA THR A 68 -34.54 35.31 15.98
C THR A 68 -34.81 35.80 17.39
N LEU A 69 -34.20 36.93 17.74
CA LEU A 69 -34.32 37.53 19.05
C LEU A 69 -34.95 38.91 18.98
N LYS A 70 -35.57 39.23 17.85
CA LYS A 70 -36.17 40.54 17.65
C LYS A 70 -37.46 40.74 18.42
N HIS A 71 -37.93 39.71 19.13
CA HIS A 71 -39.18 39.76 19.86
C HIS A 71 -38.89 39.64 21.35
N GLY A 72 -39.37 40.60 22.13
CA GLY A 72 -39.10 40.63 23.56
C GLY A 72 -39.60 39.45 24.37
N SER A 73 -40.68 38.81 23.91
CA SER A 73 -41.23 37.68 24.67
C SER A 73 -40.20 36.56 24.85
N GLY A 74 -39.34 36.35 23.87
CA GLY A 74 -38.33 35.32 23.98
C GLY A 74 -37.71 35.05 22.63
N ALA A 75 -37.13 33.86 22.51
CA ALA A 75 -36.45 33.47 21.28
C ALA A 75 -37.35 32.51 20.51
N ILE A 76 -37.66 32.88 19.28
CA ILE A 76 -38.50 32.07 18.40
C ILE A 76 -37.58 31.37 17.42
N ILE A 77 -37.78 30.07 17.26
CA ILE A 77 -36.90 29.27 16.40
C ILE A 77 -37.27 29.49 14.94
N LEU A 78 -36.26 29.50 14.08
CA LEU A 78 -36.44 29.76 12.66
C LEU A 78 -36.20 28.52 11.82
N SER A 79 -35.02 27.92 11.89
CA SER A 79 -34.70 26.79 11.04
C SER A 79 -34.01 25.70 11.85
N LYS A 80 -34.63 24.52 11.89
CA LYS A 80 -33.99 23.33 12.41
C LYS A 80 -32.95 22.82 11.44
N GLU A 81 -33.20 22.98 10.14
CA GLU A 81 -32.29 22.52 9.11
C GLU A 81 -30.95 23.24 9.19
N LYS A 82 -30.97 24.54 9.50
CA LYS A 82 -29.73 25.27 9.67
C LYS A 82 -29.02 24.88 10.96
N ALA A 83 -29.78 24.44 11.96
CA ALA A 83 -29.16 23.91 13.18
C ALA A 83 -28.35 22.65 12.89
N ILE A 84 -28.88 21.74 12.07
CA ILE A 84 -28.13 20.52 11.75
C ILE A 84 -26.89 20.85 10.92
N GLU A 85 -27.02 21.75 9.94
CA GLU A 85 -25.84 22.19 9.19
C GLU A 85 -24.79 22.79 10.11
N PHE A 86 -25.21 23.66 11.03
CA PHE A 86 -24.28 24.25 11.98
C PHE A 86 -23.64 23.19 12.87
N LEU A 87 -24.43 22.21 13.33
CA LEU A 87 -23.86 21.15 14.16
C LEU A 87 -22.82 20.34 13.38
N ASN A 88 -23.14 19.98 12.13
CA ASN A 88 -22.18 19.26 11.31
C ASN A 88 -20.91 20.07 11.12
N GLN A 89 -21.06 21.39 10.90
CA GLN A 89 -19.88 22.22 10.68
C GLN A 89 -19.03 22.36 11.93
N TYR A 90 -19.64 22.63 13.08
CA TYR A 90 -18.84 22.85 14.29
C TYR A 90 -18.26 21.54 14.78
N GLU A 91 -19.11 20.54 15.06
CA GLU A 91 -18.65 19.18 15.32
C GLU A 91 -18.26 18.65 13.94
N THR A 92 -17.04 18.97 13.52
CA THR A 92 -16.65 18.75 12.12
C THR A 92 -16.72 17.30 11.68
N SER A 93 -16.76 16.35 12.62
CA SER A 93 -16.59 14.95 12.28
C SER A 93 -15.45 14.77 11.28
N HIS A 94 -14.37 15.54 11.46
CA HIS A 94 -13.17 15.48 10.65
C HIS A 94 -11.91 15.78 11.47
N SER A 95 -12.03 15.82 12.80
CA SER A 95 -10.93 16.17 13.68
C SER A 95 -9.81 15.13 13.59
N VAL A 96 -8.74 15.36 14.36
CA VAL A 96 -7.65 14.39 14.40
C VAL A 96 -8.02 13.16 15.23
N ALA A 97 -9.04 13.29 16.09
CA ALA A 97 -9.51 12.16 16.92
C ALA A 97 -10.20 11.11 16.04
N ILE A 98 -11.25 11.51 15.31
CA ILE A 98 -12.03 10.53 14.52
C ILE A 98 -11.14 9.99 13.39
N LEU A 99 -10.24 10.81 12.86
CA LEU A 99 -9.35 10.40 11.77
C LEU A 99 -8.40 9.34 12.28
N LYS A 100 -7.98 9.46 13.53
CA LYS A 100 -7.24 8.39 14.18
C LYS A 100 -8.04 7.08 14.19
N GLY A 101 -9.32 7.15 14.54
CA GLY A 101 -10.13 5.94 14.53
C GLY A 101 -10.27 5.34 13.14
N LYS A 102 -10.46 6.19 12.14
CA LYS A 102 -10.55 5.72 10.76
C LYS A 102 -9.25 5.06 10.33
N ILE A 103 -8.11 5.64 10.71
CA ILE A 103 -6.80 5.09 10.36
C ILE A 103 -6.58 3.75 11.06
N ARG A 104 -6.98 3.65 12.33
CA ARG A 104 -6.84 2.38 13.06
C ARG A 104 -7.72 1.30 12.43
N ASP A 105 -8.94 1.66 12.04
CA ASP A 105 -9.80 0.71 11.35
C ASP A 105 -9.17 0.25 10.05
N ASN A 106 -8.59 1.18 9.29
CA ASN A 106 -7.92 0.85 8.04
C ASN A 106 -6.77 -0.15 8.27
N ILE A 107 -5.90 0.14 9.24
CA ILE A 107 -4.76 -0.74 9.48
C ILE A 107 -5.22 -2.12 9.92
N LYS A 108 -6.27 -2.19 10.75
CA LYS A 108 -6.71 -3.50 11.21
C LYS A 108 -7.29 -4.31 10.06
N ALA A 109 -8.12 -3.67 9.23
CA ALA A 109 -8.66 -4.35 8.05
C ALA A 109 -7.55 -4.84 7.13
N GLN A 110 -6.51 -4.03 6.91
CA GLN A 110 -5.43 -4.48 6.03
C GLN A 110 -4.60 -5.60 6.64
N GLN A 111 -4.42 -5.59 7.97
CA GLN A 111 -3.72 -6.70 8.61
C GLN A 111 -4.48 -8.01 8.41
N GLN A 112 -5.81 -7.96 8.61
CA GLN A 112 -6.63 -9.14 8.37
C GLN A 112 -6.52 -9.60 6.91
N GLU A 113 -6.57 -8.65 5.96
CA GLU A 113 -6.42 -8.99 4.55
C GLU A 113 -5.07 -9.65 4.26
N MSE A 114 -4.01 -9.20 4.91
CA MSE A 114 -2.68 -9.79 4.65
C MSE A 114 -2.56 -11.20 5.20
O MSE A 114 -1.93 -12.07 4.57
CB MSE A 114 -1.59 -8.91 5.23
CG MSE A 114 -1.14 -7.84 4.28
SE MSE A 114 0.51 -6.99 4.82
CE MSE A 114 -0.12 -6.15 6.47
N GLU A 115 -3.14 -11.44 6.38
CA GLU A 115 -3.22 -12.83 6.85
C GLU A 115 -4.01 -13.71 5.88
N GLU A 116 -5.14 -13.19 5.39
CA GLU A 116 -5.91 -13.90 4.39
C GLU A 116 -5.03 -14.23 3.18
N LEU A 117 -4.25 -13.25 2.74
CA LEU A 117 -3.30 -13.44 1.65
C LEU A 117 -2.31 -14.57 1.95
N ALA A 118 -1.81 -14.62 3.19
CA ALA A 118 -0.86 -15.65 3.57
C ALA A 118 -1.46 -17.04 3.39
N THR A 119 -2.71 -17.20 3.84
CA THR A 119 -3.34 -18.52 3.68
C THR A 119 -3.61 -18.82 2.22
N LEU A 120 -4.00 -17.79 1.45
CA LEU A 120 -4.29 -17.98 0.04
C LEU A 120 -3.05 -18.44 -0.72
N VAL A 121 -1.89 -17.84 -0.43
CA VAL A 121 -0.68 -18.21 -1.17
C VAL A 121 -0.12 -19.55 -0.71
N ASP A 122 -0.26 -19.89 0.58
CA ASP A 122 0.05 -21.25 1.02
C ASP A 122 -0.76 -22.26 0.22
N ASP A 123 -2.08 -22.10 0.18
CA ASP A 123 -2.91 -23.02 -0.59
C ASP A 123 -2.61 -22.96 -2.09
N PHE A 124 -2.16 -21.81 -2.60
CA PHE A 124 -1.82 -21.74 -4.02
C PHE A 124 -0.62 -22.62 -4.31
N LEU A 125 0.36 -22.65 -3.39
CA LEU A 125 1.49 -23.55 -3.56
C LEU A 125 1.03 -25.00 -3.44
N LEU A 126 0.07 -25.24 -2.54
CA LEU A 126 -0.49 -26.58 -2.42
C LEU A 126 -1.13 -27.03 -3.72
N GLN A 127 -1.77 -26.09 -4.43
CA GLN A 127 -2.48 -26.43 -5.65
C GLN A 127 -1.54 -26.58 -6.83
N THR A 128 -0.45 -25.83 -6.86
CA THR A 128 0.56 -26.06 -7.90
C THR A 128 1.20 -27.43 -7.71
N ARG A 129 1.43 -27.83 -6.45
CA ARG A 129 2.04 -29.14 -6.24
C ARG A 129 1.03 -30.24 -6.52
N ALA A 130 -0.26 -29.95 -6.37
CA ALA A 130 -1.27 -30.95 -6.68
C ALA A 130 -1.47 -31.08 -8.19
N VAL A 131 -1.52 -29.96 -8.91
CA VAL A 131 -1.72 -30.04 -10.36
C VAL A 131 -0.51 -30.66 -11.02
N SER A 132 0.69 -30.46 -10.47
CA SER A 132 1.86 -31.04 -11.12
C SER A 132 1.74 -32.56 -11.21
N LYS A 133 0.97 -33.16 -10.30
CA LYS A 133 0.72 -34.59 -10.25
C LYS A 133 -0.58 -34.98 -10.96
N GLN A 134 -1.57 -34.08 -10.96
CA GLN A 134 -2.87 -34.38 -11.56
C GLN A 134 -2.80 -34.28 -13.08
N TYR A 135 -2.27 -33.17 -13.59
CA TYR A 135 -2.11 -32.94 -15.03
C TYR A 135 -0.62 -32.70 -15.31
N PRO A 136 0.20 -33.74 -15.28
CA PRO A 136 1.66 -33.54 -15.46
C PRO A 136 2.07 -33.11 -16.85
N LEU A 137 1.24 -33.31 -17.87
CA LEU A 137 1.58 -32.91 -19.22
C LEU A 137 0.87 -31.63 -19.66
N ALA A 138 0.18 -30.96 -18.74
CA ALA A 138 -0.42 -29.68 -19.03
C ALA A 138 0.68 -28.66 -19.34
N PRO A 139 0.57 -27.91 -20.44
CA PRO A 139 1.66 -27.01 -20.84
C PRO A 139 1.65 -25.68 -20.09
N TYR A 140 2.85 -25.08 -20.03
CA TYR A 140 3.04 -23.70 -19.65
C TYR A 140 3.22 -22.84 -20.88
N GLU A 141 3.08 -21.52 -20.70
CA GLU A 141 3.29 -20.56 -21.75
C GLU A 141 4.06 -19.37 -21.19
N ILE A 142 5.19 -19.03 -21.81
CA ILE A 142 5.94 -17.83 -21.46
C ILE A 142 5.83 -16.88 -22.65
N ILE A 143 5.98 -15.59 -22.35
CA ILE A 143 5.90 -14.55 -23.37
C ILE A 143 7.31 -13.98 -23.46
N VAL A 144 7.95 -14.13 -24.62
CA VAL A 144 9.33 -13.71 -24.81
C VAL A 144 9.34 -12.18 -24.91
N SER A 145 9.69 -11.53 -23.80
CA SER A 145 9.55 -10.08 -23.69
C SER A 145 10.75 -9.34 -24.31
N GLU A 146 10.73 -8.01 -24.17
CA GLU A 146 11.70 -7.15 -24.84
C GLU A 146 13.12 -7.36 -24.33
N ASP A 147 13.28 -7.50 -23.02
CA ASP A 147 14.63 -7.71 -22.49
C ASP A 147 15.00 -9.11 -22.96
N SER A 148 15.81 -9.17 -24.01
CA SER A 148 16.06 -10.43 -24.67
C SER A 148 17.53 -10.54 -24.99
N GLU A 149 17.96 -11.79 -25.12
CA GLU A 149 19.35 -12.17 -25.30
C GLU A 149 19.51 -13.03 -26.55
N HIS A 150 19.20 -14.33 -26.47
CA HIS A 150 19.43 -15.25 -27.62
C HIS A 150 18.16 -15.41 -28.47
N LEU A 151 17.70 -14.33 -29.10
CA LEU A 151 16.52 -14.42 -30.00
C LEU A 151 17.03 -14.60 -31.44
N GLY A 152 16.29 -15.37 -32.26
CA GLY A 152 16.71 -15.62 -33.66
C GLY A 152 17.66 -16.80 -33.72
N LYS A 153 17.45 -17.77 -32.84
CA LYS A 153 18.39 -18.93 -32.76
C LYS A 153 17.61 -20.25 -32.77
N SER A 154 18.07 -21.22 -33.57
CA SER A 154 17.46 -22.53 -33.60
C SER A 154 17.44 -23.19 -32.22
N ILE A 155 16.43 -24.03 -32.01
CA ILE A 155 16.25 -24.71 -30.72
C ILE A 155 17.40 -25.67 -30.46
N GLY A 156 17.83 -26.38 -31.49
CA GLY A 156 18.90 -27.36 -31.31
C GLY A 156 20.18 -26.69 -30.88
N GLU A 157 20.48 -25.53 -31.46
CA GLU A 157 21.67 -24.78 -31.14
C GLU A 157 21.60 -24.14 -29.75
N LEU A 158 20.39 -24.01 -29.20
CA LEU A 158 20.20 -23.36 -27.91
C LEU A 158 20.38 -24.28 -26.70
N ASN A 159 20.30 -25.60 -26.89
CA ASN A 159 20.41 -26.55 -25.79
C ASN A 159 19.42 -26.19 -24.67
N VAL A 160 18.16 -26.00 -25.06
CA VAL A 160 17.13 -25.57 -24.12
C VAL A 160 16.95 -26.59 -22.98
N TRP A 161 16.76 -27.87 -23.33
CA TRP A 161 16.43 -28.88 -22.33
C TRP A 161 17.53 -29.03 -21.28
N HIS A 162 18.79 -28.83 -21.67
CA HIS A 162 19.91 -28.92 -20.74
C HIS A 162 19.73 -27.96 -19.57
N GLN A 163 19.43 -26.69 -19.85
CA GLN A 163 19.39 -25.66 -18.81
C GLN A 163 18.01 -25.39 -18.25
N THR A 164 16.94 -25.84 -18.92
CA THR A 164 15.59 -25.60 -18.43
C THR A 164 14.84 -26.84 -18.02
N GLY A 165 15.26 -28.02 -18.48
CA GLY A 165 14.52 -29.23 -18.17
C GLY A 165 13.15 -29.28 -18.79
N ALA A 166 12.94 -28.52 -19.86
CA ALA A 166 11.64 -28.38 -20.49
C ALA A 166 11.74 -28.77 -21.96
N THR A 167 10.67 -29.34 -22.48
CA THR A 167 10.58 -29.70 -23.88
C THR A 167 9.63 -28.71 -24.56
N ILE A 168 10.16 -27.93 -25.50
CA ILE A 168 9.34 -26.97 -26.21
C ILE A 168 8.38 -27.72 -27.12
N VAL A 169 7.09 -27.43 -26.96
CA VAL A 169 6.06 -28.17 -27.70
C VAL A 169 5.29 -27.32 -28.71
N ALA A 170 5.23 -26.00 -28.54
CA ALA A 170 4.46 -25.18 -29.46
C ALA A 170 4.99 -23.76 -29.46
N ILE A 171 4.78 -23.06 -30.59
CA ILE A 171 5.29 -21.71 -30.76
C ILE A 171 4.25 -20.88 -31.51
N GLU A 172 3.87 -19.74 -30.92
CA GLU A 172 3.00 -18.76 -31.56
C GLU A 172 3.90 -17.60 -32.02
N HIS A 173 4.22 -17.59 -33.31
CA HIS A 173 5.12 -16.60 -33.88
C HIS A 173 4.29 -15.69 -34.76
N GLU A 174 4.10 -14.45 -34.31
CA GLU A 174 3.35 -13.45 -35.05
C GLU A 174 1.94 -13.95 -35.33
N GLY A 175 1.29 -14.47 -34.28
CA GLY A 175 -0.08 -14.92 -34.41
C GLY A 175 -0.27 -16.24 -35.12
N LYS A 176 0.78 -17.06 -35.22
CA LYS A 176 0.72 -18.34 -35.93
C LYS A 176 1.03 -19.45 -34.93
N PHE A 177 0.02 -20.25 -34.59
CA PHE A 177 0.16 -21.31 -33.60
C PHE A 177 0.62 -22.61 -34.26
N ILE A 178 1.84 -23.04 -33.96
CA ILE A 178 2.41 -24.27 -34.53
C ILE A 178 2.85 -25.21 -33.41
N VAL A 179 2.33 -26.43 -33.42
CA VAL A 179 2.68 -27.48 -32.47
C VAL A 179 3.81 -28.34 -33.04
N SER A 180 4.76 -28.74 -32.17
CA SER A 180 5.89 -29.59 -32.50
C SER A 180 6.75 -28.96 -33.60
N PRO A 181 7.57 -27.95 -33.28
CA PRO A 181 8.24 -27.15 -34.32
C PRO A 181 9.58 -27.67 -34.80
N GLY A 182 10.26 -28.50 -34.02
CA GLY A 182 11.53 -29.07 -34.42
C GLY A 182 12.73 -28.17 -34.15
N PRO A 183 13.93 -28.73 -34.20
CA PRO A 183 15.13 -27.95 -33.84
C PRO A 183 15.46 -26.77 -34.74
N PHE A 184 15.15 -26.82 -36.05
CA PHE A 184 15.48 -25.66 -36.88
C PHE A 184 14.50 -24.51 -36.77
N SER A 185 13.66 -24.47 -35.74
CA SER A 185 12.68 -23.40 -35.71
C SER A 185 13.26 -22.24 -34.92
N VAL A 186 13.04 -21.03 -35.43
CA VAL A 186 13.73 -19.86 -34.91
C VAL A 186 12.70 -19.02 -34.18
N ILE A 187 13.11 -18.44 -33.05
CA ILE A 187 12.23 -17.63 -32.22
C ILE A 187 12.71 -16.20 -32.22
N GLU A 188 11.76 -15.29 -32.37
CA GLU A 188 12.04 -13.87 -32.27
C GLU A 188 11.26 -13.33 -31.09
N GLN A 189 11.43 -12.04 -30.83
CA GLN A 189 10.73 -11.36 -29.75
C GLN A 189 9.27 -11.13 -30.05
N GLY A 190 8.44 -11.33 -29.02
CA GLY A 190 7.01 -11.14 -29.12
C GLY A 190 6.24 -12.40 -29.39
N ASP A 191 6.88 -13.56 -29.22
CA ASP A 191 6.32 -14.89 -29.41
C ASP A 191 5.88 -15.50 -28.09
N HIS A 192 4.89 -16.38 -28.19
CA HIS A 192 4.43 -17.20 -27.08
C HIS A 192 5.03 -18.60 -27.20
N ILE A 193 5.73 -19.05 -26.16
CA ILE A 193 6.42 -20.34 -26.17
C ILE A 193 5.71 -21.28 -25.21
N PHE A 194 5.26 -22.42 -25.72
CA PHE A 194 4.62 -23.45 -24.90
C PHE A 194 5.61 -24.57 -24.61
N PHE A 195 5.60 -25.06 -23.38
CA PHE A 195 6.56 -26.07 -22.96
C PHE A 195 5.97 -26.92 -21.83
N VAL A 196 6.56 -28.09 -21.63
CA VAL A 196 6.14 -29.00 -20.58
C VAL A 196 7.35 -29.35 -19.72
N GLY A 197 7.07 -29.80 -18.51
CA GLY A 197 8.15 -30.11 -17.58
C GLY A 197 7.63 -30.31 -16.18
N ASP A 198 8.45 -29.93 -15.21
CA ASP A 198 8.10 -30.07 -13.81
C ASP A 198 7.78 -28.69 -13.24
N GLU A 199 7.45 -28.68 -11.95
CA GLU A 199 6.93 -27.48 -11.30
C GLU A 199 7.78 -26.23 -11.52
N ASP A 200 9.09 -26.38 -11.63
CA ASP A 200 10.02 -25.25 -11.72
C ASP A 200 10.52 -24.93 -13.13
N VAL A 201 10.00 -25.58 -14.18
CA VAL A 201 10.53 -25.29 -15.51
C VAL A 201 10.13 -23.90 -16.00
N TYR A 202 8.98 -23.39 -15.55
CA TYR A 202 8.60 -22.02 -15.91
C TYR A 202 9.65 -21.04 -15.39
N ALA A 203 10.04 -21.19 -14.12
CA ALA A 203 11.10 -20.36 -13.57
C ALA A 203 12.38 -20.48 -14.39
N ARG A 204 12.76 -21.71 -14.75
CA ARG A 204 13.98 -21.89 -15.54
C ARG A 204 13.85 -21.25 -16.91
N MSE A 205 12.69 -21.37 -17.54
CA MSE A 205 12.43 -20.76 -18.83
C MSE A 205 12.41 -19.25 -18.72
O MSE A 205 12.86 -18.55 -19.61
CB MSE A 205 11.12 -21.26 -19.42
CG MSE A 205 11.17 -22.70 -19.89
SE MSE A 205 12.09 -22.88 -21.60
CE MSE A 205 10.70 -22.13 -22.75
N LYS A 206 11.87 -18.77 -17.60
CA LYS A 206 11.92 -17.33 -17.34
C LYS A 206 13.35 -16.83 -17.31
N THR A 207 14.15 -17.33 -16.36
CA THR A 207 15.53 -16.86 -16.22
C THR A 207 16.30 -17.02 -17.52
N TYR A 208 16.02 -18.10 -18.27
CA TYR A 208 16.79 -18.39 -19.47
C TYR A 208 16.42 -17.49 -20.64
N PHE A 209 15.13 -17.25 -20.87
CA PHE A 209 14.69 -16.47 -22.04
C PHE A 209 14.35 -15.00 -21.77
N ASN A 210 13.58 -14.66 -20.73
CA ASN A 210 13.17 -13.26 -20.55
C ASN A 210 14.06 -12.55 -19.54
N LEU A 211 15.36 -12.86 -19.53
CA LEU A 211 16.30 -12.28 -18.58
C LEU A 211 17.70 -12.41 -19.15
N ARG A 212 18.41 -11.29 -19.23
CA ARG A 212 19.77 -11.27 -19.77
C ARG A 212 20.80 -11.48 -18.67
N GLU B 6 0.13 -41.63 -14.25
CA GLU B 6 -1.11 -42.35 -14.04
C GLU B 6 -0.96 -43.43 -12.98
N GLN B 7 -0.90 -44.70 -13.40
CA GLN B 7 -0.65 -45.81 -12.49
C GLN B 7 0.80 -45.88 -12.03
N SER B 8 1.64 -44.94 -12.45
CA SER B 8 3.05 -44.88 -12.11
C SER B 8 3.31 -43.69 -11.19
N GLU B 9 4.58 -43.33 -11.03
CA GLU B 9 4.99 -42.20 -10.22
C GLU B 9 5.76 -41.21 -11.08
N ILE B 10 5.35 -39.95 -11.02
CA ILE B 10 6.00 -38.91 -11.82
C ILE B 10 7.44 -38.75 -11.36
N VAL B 11 8.37 -38.80 -12.32
CA VAL B 11 9.79 -38.64 -12.06
C VAL B 11 10.37 -37.79 -13.18
N THR B 12 11.36 -36.96 -12.84
CA THR B 12 12.06 -36.17 -13.83
C THR B 12 13.22 -37.00 -14.42
N SER B 13 14.03 -36.37 -15.28
CA SER B 13 15.08 -37.09 -15.97
C SER B 13 16.16 -37.54 -14.99
N LYS B 14 16.40 -38.85 -14.94
CA LYS B 14 17.45 -39.34 -14.06
C LYS B 14 18.80 -38.73 -14.38
N TYR B 15 19.06 -38.44 -15.66
CA TYR B 15 20.34 -37.88 -16.07
C TYR B 15 20.56 -36.48 -15.50
N GLN B 16 19.51 -35.64 -15.51
CA GLN B 16 19.64 -34.29 -14.95
C GLN B 16 20.04 -34.29 -13.49
N LYS B 17 19.48 -35.21 -12.68
CA LYS B 17 19.88 -35.28 -11.28
C LYS B 17 21.37 -35.55 -11.14
N ILE B 18 21.89 -36.53 -11.90
CA ILE B 18 23.31 -36.85 -11.86
C ILE B 18 24.14 -35.64 -12.29
N ALA B 19 23.75 -35.02 -13.41
CA ALA B 19 24.44 -33.83 -13.91
C ALA B 19 24.50 -32.75 -12.85
N VAL B 20 23.36 -32.46 -12.21
CA VAL B 20 23.31 -31.43 -11.18
C VAL B 20 24.22 -31.78 -10.01
N ALA B 21 24.20 -33.06 -9.59
CA ALA B 21 25.04 -33.49 -8.48
C ALA B 21 26.52 -33.26 -8.77
N VAL B 22 26.99 -33.73 -9.94
CA VAL B 22 28.40 -33.60 -10.25
C VAL B 22 28.77 -32.13 -10.48
N ALA B 23 27.88 -31.35 -11.10
CA ALA B 23 28.13 -29.93 -11.28
C ALA B 23 28.23 -29.21 -9.94
N GLN B 24 27.39 -29.59 -8.97
CA GLN B 24 27.50 -29.02 -7.63
C GLN B 24 28.83 -29.40 -6.99
N ARG B 25 29.26 -30.64 -7.13
CA ARG B 25 30.56 -31.01 -6.58
C ARG B 25 31.69 -30.20 -7.19
N ILE B 26 31.66 -30.04 -8.52
CA ILE B 26 32.67 -29.23 -9.20
C ILE B 26 32.63 -27.80 -8.66
N ALA B 27 31.42 -27.25 -8.48
CA ALA B 27 31.29 -25.88 -8.01
C ALA B 27 31.72 -25.74 -6.56
N ASN B 28 31.55 -26.77 -5.76
CA ASN B 28 31.99 -26.74 -4.37
C ASN B 28 33.50 -26.86 -4.28
N GLY B 29 34.13 -27.47 -5.28
CA GLY B 29 35.57 -27.56 -5.32
C GLY B 29 36.12 -28.95 -5.09
N ASP B 30 35.28 -29.97 -4.93
CA ASP B 30 35.78 -31.33 -4.84
C ASP B 30 36.54 -31.73 -6.10
N TYR B 31 36.02 -31.36 -7.27
CA TYR B 31 36.68 -31.60 -8.55
C TYR B 31 37.16 -30.25 -9.09
N GLU B 32 38.44 -29.94 -8.86
CA GLU B 32 39.03 -28.68 -9.30
C GLU B 32 39.22 -28.66 -10.81
N VAL B 33 39.55 -27.47 -11.32
CA VAL B 33 39.69 -27.29 -12.77
C VAL B 33 40.86 -28.11 -13.28
N GLY B 34 40.65 -28.76 -14.44
CA GLY B 34 41.67 -29.56 -15.10
C GLY B 34 42.00 -30.89 -14.46
N GLU B 35 41.56 -31.15 -13.23
CA GLU B 35 41.83 -32.41 -12.56
C GLU B 35 41.01 -33.53 -13.21
N LYS B 36 41.50 -34.77 -13.06
CA LYS B 36 40.88 -35.94 -13.69
C LYS B 36 39.77 -36.51 -12.82
N LEU B 37 38.69 -36.94 -13.47
CA LEU B 37 37.57 -37.61 -12.84
C LEU B 37 37.75 -39.13 -12.89
N LYS B 38 36.90 -39.83 -12.18
CA LYS B 38 36.95 -41.28 -12.17
C LYS B 38 36.33 -41.81 -13.47
N SER B 39 36.38 -43.13 -13.66
CA SER B 39 35.78 -43.75 -14.81
C SER B 39 34.26 -43.64 -14.75
N ARG B 40 33.61 -43.76 -15.91
CA ARG B 40 32.12 -43.67 -15.95
C ARG B 40 31.52 -44.75 -15.05
N THR B 41 32.24 -45.87 -14.85
CA THR B 41 31.75 -46.95 -14.02
C THR B 41 31.97 -46.71 -12.52
N THR B 42 33.03 -45.99 -12.16
CA THR B 42 33.34 -45.79 -10.74
C THR B 42 32.35 -44.82 -10.08
N ILE B 43 32.10 -43.67 -10.73
CA ILE B 43 31.13 -42.73 -10.21
C ILE B 43 29.74 -43.30 -10.31
N ALA B 44 29.49 -44.14 -11.33
CA ALA B 44 28.19 -44.79 -11.43
C ALA B 44 27.89 -45.62 -10.18
N SER B 45 28.89 -46.36 -9.69
CA SER B 45 28.68 -47.10 -8.45
C SER B 45 28.59 -46.16 -7.26
N THR B 46 29.29 -45.02 -7.31
CA THR B 46 29.12 -44.04 -6.23
C THR B 46 27.67 -43.58 -6.13
N PHE B 47 27.03 -43.34 -7.28
CA PHE B 47 25.63 -42.92 -7.33
C PHE B 47 24.62 -44.07 -7.41
N ASN B 48 25.07 -45.32 -7.43
CA ASN B 48 24.16 -46.47 -7.47
C ASN B 48 23.35 -46.46 -8.77
N VAL B 49 23.97 -46.03 -9.86
CA VAL B 49 23.31 -45.90 -11.15
C VAL B 49 24.09 -46.70 -12.17
N SER B 50 23.48 -46.91 -13.33
CA SER B 50 24.14 -47.61 -14.42
C SER B 50 25.29 -46.74 -14.94
N PRO B 51 26.38 -47.36 -15.41
CA PRO B 51 27.44 -46.55 -16.04
C PRO B 51 26.98 -45.85 -17.30
N GLU B 52 26.06 -46.45 -18.06
CA GLU B 52 25.59 -45.83 -19.29
C GLU B 52 24.73 -44.60 -19.00
N THR B 53 23.81 -44.70 -18.05
CA THR B 53 22.97 -43.54 -17.70
C THR B 53 23.79 -42.44 -17.02
N ALA B 54 24.70 -42.82 -16.13
CA ALA B 54 25.57 -41.82 -15.53
C ALA B 54 26.41 -41.08 -16.56
N ARG B 55 26.86 -41.80 -17.59
CA ARG B 55 27.63 -41.16 -18.69
C ARG B 55 26.79 -40.08 -19.38
N LYS B 56 25.51 -40.38 -19.65
CA LYS B 56 24.63 -39.39 -20.28
C LYS B 56 24.41 -38.20 -19.35
N GLY B 57 24.25 -38.47 -18.05
CA GLY B 57 24.18 -37.37 -17.10
C GLY B 57 25.37 -36.44 -17.24
N LEU B 58 26.56 -37.02 -17.39
CA LEU B 58 27.76 -36.21 -17.65
C LEU B 58 27.80 -35.67 -19.08
N ASN B 59 27.15 -36.36 -20.03
CA ASN B 59 27.09 -35.85 -21.40
C ASN B 59 26.31 -34.55 -21.46
N ILE B 60 25.35 -34.37 -20.56
CA ILE B 60 24.64 -33.09 -20.47
C ILE B 60 25.63 -31.96 -20.21
N LEU B 61 26.50 -32.15 -19.22
CA LEU B 61 27.47 -31.11 -18.89
C LEU B 61 28.53 -30.99 -19.99
N ALA B 62 28.80 -32.08 -20.70
CA ALA B 62 29.72 -32.00 -21.84
C ALA B 62 29.16 -31.09 -22.92
N ASP B 63 27.89 -31.30 -23.30
CA ASP B 63 27.24 -30.42 -24.25
C ASP B 63 27.10 -29.00 -23.71
N LEU B 64 27.04 -28.84 -22.39
CA LEU B 64 27.02 -27.50 -21.80
C LEU B 64 28.44 -26.94 -21.62
N GLN B 65 29.45 -27.68 -22.10
CA GLN B 65 30.84 -27.22 -22.15
C GLN B 65 31.42 -26.95 -20.77
N ILE B 66 30.96 -27.69 -19.77
CA ILE B 66 31.58 -27.60 -18.46
C ILE B 66 32.75 -28.58 -18.33
N LEU B 67 32.73 -29.67 -19.09
CA LEU B 67 33.78 -30.67 -19.04
C LEU B 67 33.92 -31.32 -20.42
N THR B 68 35.03 -32.03 -20.62
CA THR B 68 35.25 -32.80 -21.83
C THR B 68 35.60 -34.24 -21.47
N LEU B 69 35.05 -35.18 -22.23
CA LEU B 69 35.28 -36.61 -21.99
C LEU B 69 35.83 -37.34 -23.21
N LYS B 70 36.31 -36.61 -24.21
CA LYS B 70 36.79 -37.17 -25.48
C LYS B 70 38.17 -37.81 -25.39
N HIS B 71 38.73 -38.03 -24.21
CA HIS B 71 40.06 -38.60 -24.07
C HIS B 71 40.08 -40.04 -23.59
N GLY B 72 38.94 -40.61 -23.23
CA GLY B 72 38.86 -42.01 -22.82
C GLY B 72 39.40 -42.37 -21.45
N SER B 73 40.44 -41.66 -20.99
CA SER B 73 40.95 -41.90 -19.64
C SER B 73 39.89 -41.60 -18.59
N GLY B 74 39.07 -40.58 -18.84
CA GLY B 74 38.01 -40.14 -17.94
C GLY B 74 37.52 -38.78 -18.40
N ALA B 75 36.92 -38.05 -17.47
CA ALA B 75 36.35 -36.74 -17.73
C ALA B 75 37.25 -35.66 -17.14
N ILE B 76 37.61 -34.67 -17.94
CA ILE B 76 38.45 -33.56 -17.52
C ILE B 76 37.59 -32.32 -17.28
N ILE B 77 37.88 -31.62 -16.18
CA ILE B 77 37.14 -30.41 -15.83
C ILE B 77 37.63 -29.26 -16.70
N LEU B 78 36.70 -28.41 -17.14
CA LEU B 78 37.05 -27.28 -17.99
C LEU B 78 36.86 -25.98 -17.23
N SER B 79 35.64 -25.67 -16.81
CA SER B 79 35.36 -24.43 -16.10
C SER B 79 34.38 -24.69 -14.96
N LYS B 80 34.84 -24.34 -13.75
CA LYS B 80 34.00 -24.30 -12.57
C LYS B 80 33.02 -23.15 -12.67
N GLU B 81 33.48 -22.08 -13.32
CA GLU B 81 32.70 -20.85 -13.45
C GLU B 81 31.41 -21.09 -14.19
N LYS B 82 31.46 -21.90 -15.26
CA LYS B 82 30.25 -22.22 -16.01
C LYS B 82 29.37 -23.22 -15.26
N ALA B 83 29.97 -24.07 -14.43
CA ALA B 83 29.19 -24.94 -13.56
C ALA B 83 28.36 -24.11 -12.59
N ILE B 84 28.93 -23.04 -12.05
CA ILE B 84 28.20 -22.15 -11.16
C ILE B 84 27.04 -21.50 -11.89
N GLU B 85 27.31 -20.99 -13.11
CA GLU B 85 26.24 -20.44 -13.93
C GLU B 85 25.14 -21.46 -14.17
N PHE B 86 25.53 -22.70 -14.51
CA PHE B 86 24.53 -23.74 -14.76
C PHE B 86 23.70 -24.02 -13.50
N LEU B 87 24.34 -24.07 -12.34
CA LEU B 87 23.58 -24.29 -11.11
C LEU B 87 22.62 -23.15 -10.84
N ASN B 88 23.07 -21.91 -10.99
CA ASN B 88 22.20 -20.77 -10.76
C ASN B 88 21.01 -20.81 -11.71
N GLN B 89 21.26 -21.15 -12.98
CA GLN B 89 20.18 -21.18 -13.97
C GLN B 89 19.20 -22.32 -13.73
N TYR B 90 19.71 -23.55 -13.54
CA TYR B 90 18.83 -24.71 -13.38
C TYR B 90 18.15 -24.75 -12.01
N GLU B 91 18.93 -24.68 -10.93
CA GLU B 91 18.35 -24.74 -9.60
C GLU B 91 17.39 -23.58 -9.37
N THR B 92 16.60 -23.73 -8.32
CA THR B 92 15.53 -22.80 -8.01
C THR B 92 16.09 -21.40 -7.74
N SER B 93 15.60 -20.44 -8.52
CA SER B 93 15.92 -19.04 -8.29
C SER B 93 14.68 -18.18 -8.37
N HIS B 94 13.56 -18.72 -8.84
CA HIS B 94 12.33 -17.96 -9.04
C HIS B 94 11.09 -18.85 -8.95
N SER B 95 11.23 -20.04 -8.37
CA SER B 95 10.12 -20.98 -8.31
C SER B 95 8.98 -20.41 -7.45
N VAL B 96 7.85 -21.11 -7.48
CA VAL B 96 6.73 -20.69 -6.64
C VAL B 96 6.98 -21.01 -5.17
N ALA B 97 7.84 -22.00 -4.89
CA ALA B 97 8.13 -22.35 -3.49
C ALA B 97 8.87 -21.23 -2.79
N ILE B 98 10.00 -20.79 -3.35
CA ILE B 98 10.76 -19.71 -2.72
C ILE B 98 9.99 -18.40 -2.77
N LEU B 99 9.31 -18.14 -3.89
CA LEU B 99 8.50 -16.93 -4.01
C LEU B 99 7.44 -16.86 -2.92
N LYS B 100 6.87 -18.00 -2.54
CA LYS B 100 5.92 -18.03 -1.42
C LYS B 100 6.59 -17.53 -0.15
N GLY B 101 7.82 -18.00 0.10
CA GLY B 101 8.52 -17.57 1.29
C GLY B 101 8.86 -16.09 1.28
N LYS B 102 9.30 -15.57 0.13
CA LYS B 102 9.58 -14.14 0.05
C LYS B 102 8.30 -13.32 0.24
N ILE B 103 7.18 -13.80 -0.31
CA ILE B 103 5.92 -13.10 -0.14
C ILE B 103 5.50 -13.09 1.33
N ARG B 104 5.67 -14.22 2.02
CA ARG B 104 5.31 -14.26 3.44
C ARG B 104 6.22 -13.36 4.27
N ASP B 105 7.51 -13.33 3.97
CA ASP B 105 8.39 -12.39 4.66
C ASP B 105 7.94 -10.96 4.42
N ASN B 106 7.54 -10.65 3.18
CA ASN B 106 7.02 -9.34 2.85
C ASN B 106 5.81 -8.98 3.69
N ILE B 107 4.83 -9.89 3.74
CA ILE B 107 3.61 -9.57 4.48
C ILE B 107 3.89 -9.44 5.98
N LYS B 108 4.80 -10.25 6.53
CA LYS B 108 5.07 -10.12 7.96
C LYS B 108 5.77 -8.80 8.27
N ALA B 109 6.76 -8.42 7.46
CA ALA B 109 7.40 -7.13 7.63
C ALA B 109 6.38 -6.00 7.53
N GLN B 110 5.44 -6.11 6.58
CA GLN B 110 4.42 -5.08 6.43
C GLN B 110 3.48 -5.03 7.64
N GLN B 111 3.19 -6.18 8.24
CA GLN B 111 2.38 -6.19 9.46
C GLN B 111 3.08 -5.43 10.58
N GLN B 112 4.40 -5.67 10.75
CA GLN B 112 5.15 -4.90 11.75
C GLN B 112 5.12 -3.41 11.43
N GLU B 113 5.24 -3.06 10.17
CA GLU B 113 5.25 -1.61 9.94
C GLU B 113 3.88 -1.06 10.32
N MSE B 114 2.79 -1.67 9.83
CA MSE B 114 1.49 -1.07 10.12
C MSE B 114 1.23 -1.01 11.64
O MSE B 114 0.53 -0.11 12.11
CB MSE B 114 0.37 -1.82 9.41
CG MSE B 114 0.37 -1.57 7.91
SE MSE B 114 -1.20 -2.28 7.03
CE MSE B 114 -2.26 -0.64 6.95
N GLU B 115 1.81 -1.94 12.39
CA GLU B 115 1.67 -1.85 13.84
C GLU B 115 2.42 -0.63 14.39
N GLU B 116 3.66 -0.43 13.91
CA GLU B 116 4.39 0.79 14.22
C GLU B 116 3.59 2.03 13.83
N LEU B 117 2.96 2.00 12.65
CA LEU B 117 2.12 3.11 12.22
C LEU B 117 1.00 3.37 13.24
N ALA B 118 0.39 2.31 13.75
CA ALA B 118 -0.69 2.47 14.73
C ALA B 118 -0.21 3.18 15.99
N THR B 119 0.96 2.78 16.50
CA THR B 119 1.45 3.46 17.69
C THR B 119 1.86 4.89 17.38
N LEU B 120 2.40 5.11 16.17
CA LEU B 120 2.79 6.46 15.77
C LEU B 120 1.59 7.39 15.73
N VAL B 121 0.45 6.92 15.22
CA VAL B 121 -0.72 7.81 15.16
C VAL B 121 -1.32 8.00 16.56
N ASP B 122 -1.23 6.98 17.42
CA ASP B 122 -1.60 7.16 18.83
C ASP B 122 -0.84 8.33 19.44
N ASP B 123 0.49 8.26 19.35
CA ASP B 123 1.34 9.29 19.92
C ASP B 123 1.13 10.63 19.25
N PHE B 124 0.82 10.65 17.94
CA PHE B 124 0.61 11.91 17.25
C PHE B 124 -0.62 12.63 17.78
N LEU B 125 -1.70 11.87 18.02
CA LEU B 125 -2.88 12.54 18.56
C LEU B 125 -2.62 13.03 19.97
N LEU B 126 -1.95 12.20 20.79
CA LEU B 126 -1.67 12.64 22.15
C LEU B 126 -0.79 13.88 22.17
N GLN B 127 0.13 13.99 21.21
CA GLN B 127 1.06 15.11 21.21
C GLN B 127 0.41 16.38 20.68
N THR B 128 -0.40 16.28 19.62
CA THR B 128 -1.11 17.47 19.16
C THR B 128 -2.04 18.01 20.25
N ARG B 129 -2.64 17.13 21.03
CA ARG B 129 -3.54 17.62 22.06
C ARG B 129 -2.79 18.17 23.28
N ALA B 130 -1.70 17.54 23.64
CA ALA B 130 -0.97 18.07 24.79
C ALA B 130 -0.23 19.35 24.42
N VAL B 131 0.25 19.44 23.18
CA VAL B 131 0.94 20.64 22.70
C VAL B 131 -0.04 21.79 22.57
N SER B 132 -1.32 21.50 22.28
CA SER B 132 -2.27 22.60 22.11
C SER B 132 -2.47 23.37 23.39
N LYS B 133 -2.22 22.73 24.55
CA LYS B 133 -2.36 23.42 25.83
C LYS B 133 -1.10 24.19 26.17
N GLN B 134 0.05 23.72 25.66
CA GLN B 134 1.33 24.38 25.92
C GLN B 134 1.52 25.59 25.02
N TYR B 135 0.88 25.57 23.85
CA TYR B 135 0.89 26.69 22.91
C TYR B 135 -0.54 26.92 22.44
N PRO B 136 -1.39 27.49 23.30
CA PRO B 136 -2.79 27.70 22.92
C PRO B 136 -3.00 28.77 21.85
N LEU B 137 -2.03 29.66 21.62
CA LEU B 137 -2.15 30.70 20.61
C LEU B 137 -1.30 30.43 19.37
N ALA B 138 -0.70 29.25 19.26
CA ALA B 138 0.06 28.89 18.07
C ALA B 138 -0.85 28.83 16.85
N PRO B 139 -0.46 29.47 15.74
CA PRO B 139 -1.35 29.53 14.58
C PRO B 139 -1.35 28.26 13.74
N TYR B 140 -2.48 28.06 13.05
CA TYR B 140 -2.57 27.11 11.96
C TYR B 140 -2.49 27.88 10.65
N GLU B 141 -2.21 27.15 9.57
CA GLU B 141 -2.15 27.72 8.24
C GLU B 141 -2.86 26.78 7.28
N ILE B 142 -3.91 27.28 6.63
CA ILE B 142 -4.65 26.53 5.62
C ILE B 142 -4.56 27.28 4.29
N ILE B 143 -4.69 26.53 3.20
CA ILE B 143 -4.69 27.08 1.85
C ILE B 143 -6.07 26.87 1.24
N VAL B 144 -6.70 27.97 0.87
CA VAL B 144 -8.02 27.94 0.25
C VAL B 144 -7.88 27.50 -1.20
N SER B 145 -8.65 26.47 -1.58
CA SER B 145 -8.60 25.97 -2.94
C SER B 145 -9.57 26.79 -3.77
N GLU B 146 -9.94 26.31 -4.95
CA GLU B 146 -10.91 27.03 -5.75
C GLU B 146 -12.34 26.58 -5.45
N ASP B 147 -12.49 25.38 -4.89
CA ASP B 147 -13.79 24.82 -4.50
C ASP B 147 -14.29 25.45 -3.20
N SER B 148 -14.61 26.73 -3.27
CA SER B 148 -15.06 27.47 -2.09
C SER B 148 -16.11 28.49 -2.48
N GLU B 149 -17.20 28.55 -1.70
CA GLU B 149 -18.29 29.47 -2.03
C GLU B 149 -18.10 30.85 -1.42
N HIS B 150 -17.19 30.98 -0.46
CA HIS B 150 -16.93 32.25 0.21
C HIS B 150 -15.94 33.12 -0.56
N LEU B 151 -15.68 32.80 -1.83
CA LEU B 151 -14.73 33.61 -2.58
C LEU B 151 -15.24 35.03 -2.79
N GLY B 152 -14.30 35.96 -2.77
CA GLY B 152 -14.65 37.35 -2.96
C GLY B 152 -15.49 37.96 -1.86
N LYS B 153 -15.55 37.34 -0.68
CA LYS B 153 -16.30 37.97 0.41
C LYS B 153 -15.37 38.29 1.57
N SER B 154 -15.74 39.35 2.28
CA SER B 154 -15.04 39.88 3.44
C SER B 154 -15.35 39.09 4.70
N ILE B 155 -14.40 39.14 5.64
CA ILE B 155 -14.51 38.37 6.88
C ILE B 155 -15.70 38.81 7.72
N GLY B 156 -16.10 40.08 7.62
CA GLY B 156 -17.19 40.56 8.46
C GLY B 156 -18.51 39.84 8.24
N GLU B 157 -18.94 39.70 6.98
CA GLU B 157 -20.13 38.90 6.74
C GLU B 157 -19.91 37.40 6.74
N LEU B 158 -18.67 36.92 6.69
CA LEU B 158 -18.50 35.47 6.59
C LEU B 158 -18.84 34.75 7.88
N ASN B 159 -18.91 35.48 8.99
CA ASN B 159 -19.23 34.91 10.29
C ASN B 159 -18.35 33.69 10.58
N VAL B 160 -17.05 33.87 10.36
CA VAL B 160 -16.10 32.76 10.51
C VAL B 160 -16.11 32.23 11.93
N TRP B 161 -15.97 33.13 12.92
CA TRP B 161 -15.85 32.69 14.30
C TRP B 161 -17.08 31.92 14.76
N HIS B 162 -18.26 32.29 14.26
CA HIS B 162 -19.49 31.57 14.60
C HIS B 162 -19.37 30.10 14.23
N GLN B 163 -18.94 29.82 13.00
CA GLN B 163 -19.01 28.47 12.45
C GLN B 163 -17.71 27.69 12.59
N THR B 164 -16.58 28.35 12.85
CA THR B 164 -15.32 27.65 13.04
C THR B 164 -14.72 27.85 14.43
N GLY B 165 -15.13 28.88 15.17
CA GLY B 165 -14.51 29.15 16.45
C GLY B 165 -13.08 29.60 16.31
N ALA B 166 -12.74 30.20 15.17
CA ALA B 166 -11.37 30.54 14.84
C ALA B 166 -11.26 32.04 14.62
N THR B 167 -10.12 32.59 15.02
CA THR B 167 -9.81 34.00 14.85
C THR B 167 -8.75 34.11 13.76
N ILE B 168 -9.11 34.72 12.64
CA ILE B 168 -8.13 34.92 11.58
C ILE B 168 -7.12 35.95 12.03
N VAL B 169 -5.84 35.60 11.96
CA VAL B 169 -4.78 36.47 12.43
C VAL B 169 -3.90 36.99 11.30
N ALA B 170 -3.85 36.30 10.16
CA ALA B 170 -3.01 36.72 9.04
C ALA B 170 -3.55 36.10 7.76
N ILE B 171 -3.25 36.77 6.65
CA ILE B 171 -3.67 36.33 5.32
C ILE B 171 -2.51 36.56 4.36
N GLU B 172 -2.08 35.51 3.66
CA GLU B 172 -1.04 35.61 2.61
C GLU B 172 -1.74 35.59 1.26
N HIS B 173 -1.90 36.77 0.68
CA HIS B 173 -2.60 36.94 -0.59
C HIS B 173 -1.64 37.39 -1.67
N GLU B 174 -1.41 36.50 -2.66
CA GLU B 174 -0.60 36.82 -3.84
C GLU B 174 0.81 37.27 -3.44
N GLY B 175 1.44 36.51 -2.54
CA GLY B 175 2.81 36.81 -2.17
C GLY B 175 2.97 38.00 -1.27
N LYS B 176 1.89 38.50 -0.66
CA LYS B 176 1.93 39.62 0.27
C LYS B 176 1.34 39.19 1.60
N PHE B 177 2.18 39.15 2.63
CA PHE B 177 1.82 38.72 3.97
C PHE B 177 1.25 39.88 4.79
N ILE B 178 -0.02 39.77 5.18
CA ILE B 178 -0.70 40.81 5.96
C ILE B 178 -1.07 40.24 7.31
N VAL B 179 -0.60 40.87 8.38
CA VAL B 179 -0.91 40.49 9.75
C VAL B 179 -2.09 41.32 10.25
N SER B 180 -3.03 40.67 10.94
CA SER B 180 -4.21 41.32 11.51
C SER B 180 -4.95 42.06 10.41
N PRO B 181 -5.70 41.36 9.54
CA PRO B 181 -6.21 42.01 8.33
C PRO B 181 -7.53 42.75 8.49
N GLY B 182 -8.33 42.39 9.49
CA GLY B 182 -9.56 43.12 9.72
C GLY B 182 -10.67 42.64 8.79
N PRO B 183 -11.91 43.05 9.08
CA PRO B 183 -13.03 42.58 8.25
C PRO B 183 -12.92 43.00 6.79
N PHE B 184 -12.29 44.13 6.49
CA PHE B 184 -12.14 44.59 5.10
C PHE B 184 -10.98 43.89 4.39
N SER B 185 -11.04 42.56 4.38
CA SER B 185 -10.07 41.75 3.67
C SER B 185 -10.84 40.64 2.99
N VAL B 186 -10.48 40.35 1.75
CA VAL B 186 -11.25 39.46 0.89
C VAL B 186 -10.45 38.17 0.72
N ILE B 187 -11.15 37.05 0.62
CA ILE B 187 -10.52 35.76 0.44
C ILE B 187 -10.73 35.34 -1.01
N GLU B 188 -9.64 34.98 -1.67
CA GLU B 188 -9.61 34.54 -3.05
C GLU B 188 -8.98 33.15 -3.11
N GLN B 189 -8.90 32.59 -4.30
CA GLN B 189 -8.30 31.26 -4.42
C GLN B 189 -6.79 31.37 -4.29
N GLY B 190 -6.20 30.46 -3.51
CA GLY B 190 -4.76 30.41 -3.36
C GLY B 190 -4.18 31.21 -2.22
N ASP B 191 -5.00 31.63 -1.25
CA ASP B 191 -4.50 32.42 -0.14
C ASP B 191 -4.20 31.50 1.05
N HIS B 192 -3.20 31.91 1.83
CA HIS B 192 -2.88 31.25 3.09
C HIS B 192 -3.55 32.00 4.23
N ILE B 193 -4.38 31.33 5.00
CA ILE B 193 -5.13 31.95 6.08
C ILE B 193 -4.59 31.40 7.40
N PHE B 194 -4.11 32.30 8.25
CA PHE B 194 -3.56 31.95 9.55
C PHE B 194 -4.61 32.22 10.61
N PHE B 195 -4.75 31.30 11.56
CA PHE B 195 -5.81 31.43 12.55
C PHE B 195 -5.43 30.68 13.83
N VAL B 196 -6.12 31.05 14.91
CA VAL B 196 -5.96 30.43 16.21
C VAL B 196 -7.32 29.94 16.69
N GLY B 197 -7.29 29.02 17.65
CA GLY B 197 -8.52 28.44 18.15
C GLY B 197 -8.21 27.21 18.98
N ASP B 198 -9.12 26.26 18.92
CA ASP B 198 -8.92 25.03 19.65
C ASP B 198 -8.45 23.98 18.65
N GLU B 199 -8.10 22.81 19.18
CA GLU B 199 -7.50 21.75 18.37
C GLU B 199 -8.30 21.41 17.12
N ASP B 200 -9.63 21.57 17.16
CA ASP B 200 -10.50 21.22 16.04
C ASP B 200 -10.75 22.36 15.04
N VAL B 201 -10.13 23.54 15.22
CA VAL B 201 -10.48 24.65 14.33
C VAL B 201 -9.93 24.46 12.92
N TYR B 202 -8.80 23.77 12.76
CA TYR B 202 -8.31 23.52 11.40
C TYR B 202 -9.36 22.72 10.62
N ALA B 203 -9.87 21.64 11.22
CA ALA B 203 -10.95 20.88 10.61
C ALA B 203 -12.15 21.77 10.31
N ARG B 204 -12.55 22.60 11.27
CA ARG B 204 -13.71 23.47 11.05
C ARG B 204 -13.46 24.46 9.93
N MSE B 205 -12.21 24.91 9.78
CA MSE B 205 -11.85 25.83 8.71
C MSE B 205 -11.84 25.10 7.38
O MSE B 205 -12.24 25.64 6.34
CB MSE B 205 -10.48 26.45 8.99
CG MSE B 205 -10.50 27.50 10.08
SE MSE B 205 -11.34 29.14 9.44
CE MSE B 205 -9.80 29.89 8.48
N LYS B 206 -11.38 23.84 7.43
CA LYS B 206 -11.29 23.03 6.22
C LYS B 206 -12.67 22.80 5.62
N THR B 207 -13.57 22.18 6.41
CA THR B 207 -14.94 21.96 5.95
C THR B 207 -15.63 23.26 5.59
N TYR B 208 -15.34 24.36 6.30
CA TYR B 208 -16.05 25.60 6.06
C TYR B 208 -15.62 26.24 4.74
N PHE B 209 -14.33 26.20 4.42
CA PHE B 209 -13.86 26.87 3.21
C PHE B 209 -13.84 25.94 2.00
N ASN B 210 -13.03 24.89 2.05
CA ASN B 210 -12.85 24.03 0.90
C ASN B 210 -13.45 22.64 1.08
N LEU B 211 -14.71 22.63 1.49
CA LEU B 211 -15.43 21.33 1.52
C LEU B 211 -16.91 21.68 1.54
N ARG B 212 -17.57 21.38 2.66
CA ARG B 212 -19.01 21.65 2.97
C ARG B 212 -19.32 21.31 4.44
N SER C 13 -11.25 -37.98 -9.15
CA SER C 13 -10.82 -36.99 -10.12
C SER C 13 -10.46 -37.66 -11.43
N LYS C 14 -10.19 -38.97 -11.35
CA LYS C 14 -9.83 -39.75 -12.53
C LYS C 14 -10.93 -39.68 -13.59
N TYR C 15 -12.19 -39.69 -13.16
CA TYR C 15 -13.30 -39.60 -14.11
C TYR C 15 -13.32 -38.24 -14.78
N GLN C 16 -13.04 -37.18 -14.01
CA GLN C 16 -12.95 -35.84 -14.57
C GLN C 16 -11.85 -35.77 -15.63
N LYS C 17 -10.71 -36.41 -15.36
CA LYS C 17 -9.60 -36.44 -16.30
C LYS C 17 -10.01 -37.07 -17.63
N ILE C 18 -10.72 -38.21 -17.58
CA ILE C 18 -11.20 -38.84 -18.80
C ILE C 18 -12.11 -37.88 -19.57
N ALA C 19 -13.04 -37.23 -18.86
CA ALA C 19 -13.93 -36.26 -19.49
C ALA C 19 -13.13 -35.21 -20.24
N VAL C 20 -12.14 -34.63 -19.58
CA VAL C 20 -11.31 -33.60 -20.21
C VAL C 20 -10.54 -34.18 -21.39
N ALA C 21 -9.97 -35.37 -21.25
CA ALA C 21 -9.20 -35.97 -22.33
C ALA C 21 -10.04 -36.14 -23.59
N VAL C 22 -11.22 -36.75 -23.44
CA VAL C 22 -12.07 -36.98 -24.61
C VAL C 22 -12.60 -35.66 -25.16
N ALA C 23 -12.91 -34.69 -24.28
CA ALA C 23 -13.32 -33.38 -24.75
C ALA C 23 -12.20 -32.71 -25.54
N GLN C 24 -10.95 -32.91 -25.10
CA GLN C 24 -9.80 -32.41 -25.82
C GLN C 24 -9.69 -33.03 -27.20
N ARG C 25 -9.88 -34.35 -27.29
CA ARG C 25 -9.83 -35.01 -28.60
C ARG C 25 -10.90 -34.45 -29.53
N ILE C 26 -12.13 -34.33 -29.01
CA ILE C 26 -13.23 -33.77 -29.79
C ILE C 26 -12.89 -32.35 -30.23
N ALA C 27 -12.34 -31.53 -29.32
CA ALA C 27 -12.08 -30.13 -29.63
C ALA C 27 -10.94 -29.95 -30.61
N ASN C 28 -9.93 -30.84 -30.55
CA ASN C 28 -8.84 -30.73 -31.52
C ASN C 28 -9.28 -31.20 -32.88
N GLY C 29 -10.30 -32.03 -32.91
CA GLY C 29 -10.80 -32.53 -34.18
C GLY C 29 -10.39 -33.95 -34.38
N ASP C 30 -9.75 -34.54 -33.37
CA ASP C 30 -9.38 -35.95 -33.42
C ASP C 30 -10.59 -36.87 -33.64
N TYR C 31 -11.71 -36.57 -33.03
CA TYR C 31 -12.93 -37.32 -33.31
C TYR C 31 -13.77 -36.39 -34.20
N GLU C 32 -13.88 -36.73 -35.49
CA GLU C 32 -14.51 -35.79 -36.40
C GLU C 32 -15.95 -35.56 -35.98
N VAL C 33 -16.53 -34.46 -36.47
CA VAL C 33 -17.86 -34.09 -36.01
C VAL C 33 -18.84 -35.16 -36.46
N GLY C 34 -19.38 -35.90 -35.50
CA GLY C 34 -20.31 -36.96 -35.84
C GLY C 34 -19.72 -38.35 -35.87
N GLU C 35 -18.45 -38.51 -35.49
CA GLU C 35 -17.82 -39.82 -35.42
C GLU C 35 -18.28 -40.56 -34.16
N LYS C 36 -18.34 -41.88 -34.24
CA LYS C 36 -18.77 -42.68 -33.11
C LYS C 36 -17.57 -43.25 -32.34
N LEU C 37 -17.68 -43.27 -31.01
CA LEU C 37 -16.73 -44.03 -30.23
C LEU C 37 -17.29 -45.42 -30.03
N LYS C 38 -16.43 -46.35 -29.64
CA LYS C 38 -16.84 -47.73 -29.51
C LYS C 38 -17.62 -47.87 -28.21
N SER C 39 -17.94 -49.11 -27.85
CA SER C 39 -18.65 -49.31 -26.60
C SER C 39 -17.80 -48.78 -25.45
N ARG C 40 -18.47 -48.30 -24.40
CA ARG C 40 -17.76 -47.63 -23.30
C ARG C 40 -16.72 -48.55 -22.67
N THR C 41 -16.96 -49.86 -22.69
CA THR C 41 -16.03 -50.80 -22.09
C THR C 41 -14.80 -50.98 -22.97
N THR C 42 -14.95 -50.80 -24.28
CA THR C 42 -13.79 -50.93 -25.17
C THR C 42 -12.81 -49.78 -24.96
N ILE C 43 -13.29 -48.54 -24.87
CA ILE C 43 -12.45 -47.39 -24.59
C ILE C 43 -12.01 -47.38 -23.12
N ALA C 44 -12.87 -47.81 -22.22
CA ALA C 44 -12.49 -47.90 -20.82
C ALA C 44 -11.28 -48.81 -20.66
N SER C 45 -11.22 -49.91 -21.43
CA SER C 45 -10.05 -50.78 -21.37
C SER C 45 -8.83 -50.09 -21.95
N THR C 46 -9.00 -49.20 -22.94
CA THR C 46 -7.89 -48.40 -23.42
C THR C 46 -7.30 -47.59 -22.28
N PHE C 47 -8.17 -47.05 -21.42
CA PHE C 47 -7.68 -46.34 -20.25
C PHE C 47 -7.39 -47.34 -19.14
N ASN C 48 -6.60 -46.89 -18.15
CA ASN C 48 -6.30 -47.76 -17.02
C ASN C 48 -7.39 -47.59 -15.97
N VAL C 49 -8.63 -47.38 -16.43
CA VAL C 49 -9.77 -47.10 -15.56
C VAL C 49 -10.86 -48.12 -15.81
N SER C 50 -11.75 -48.24 -14.83
CA SER C 50 -12.89 -49.14 -14.93
C SER C 50 -13.91 -48.57 -15.92
N PRO C 51 -14.64 -49.46 -16.62
CA PRO C 51 -15.75 -48.99 -17.46
C PRO C 51 -16.86 -48.32 -16.68
N GLU C 52 -17.05 -48.70 -15.42
CA GLU C 52 -18.12 -48.11 -14.62
C GLU C 52 -17.86 -46.63 -14.40
N THR C 53 -16.61 -46.26 -14.10
CA THR C 53 -16.26 -44.85 -13.98
C THR C 53 -16.34 -44.13 -15.33
N ALA C 54 -15.88 -44.79 -16.39
CA ALA C 54 -15.93 -44.19 -17.73
C ALA C 54 -17.35 -43.88 -18.16
N ARG C 55 -18.31 -44.69 -17.76
CA ARG C 55 -19.69 -44.42 -18.14
C ARG C 55 -20.16 -43.10 -17.54
N LYS C 56 -19.82 -42.84 -16.26
CA LYS C 56 -20.10 -41.53 -15.67
C LYS C 56 -19.29 -40.43 -16.34
N GLY C 57 -18.03 -40.72 -16.69
CA GLY C 57 -17.22 -39.74 -17.39
C GLY C 57 -17.90 -39.23 -18.65
N LEU C 58 -18.41 -40.14 -19.46
CA LEU C 58 -19.17 -39.73 -20.64
C LEU C 58 -20.56 -39.19 -20.29
N ASN C 59 -21.14 -39.62 -19.15
CA ASN C 59 -22.41 -39.03 -18.74
C ASN C 59 -22.25 -37.54 -18.50
N ILE C 60 -21.06 -37.13 -18.06
CA ILE C 60 -20.75 -35.70 -17.90
C ILE C 60 -20.94 -34.97 -19.23
N LEU C 61 -20.29 -35.47 -20.29
CA LEU C 61 -20.36 -34.82 -21.59
C LEU C 61 -21.76 -34.93 -22.18
N ALA C 62 -22.49 -35.99 -21.85
CA ALA C 62 -23.88 -36.09 -22.25
C ALA C 62 -24.70 -34.99 -21.60
N ASP C 63 -24.52 -34.78 -20.29
CA ASP C 63 -25.23 -33.73 -19.58
C ASP C 63 -24.90 -32.35 -20.12
N LEU C 64 -23.68 -32.13 -20.61
CA LEU C 64 -23.35 -30.88 -21.27
C LEU C 64 -23.58 -30.91 -22.78
N GLN C 65 -24.21 -31.97 -23.30
CA GLN C 65 -24.60 -32.07 -24.72
C GLN C 65 -23.39 -32.06 -25.66
N ILE C 66 -22.26 -32.62 -25.22
CA ILE C 66 -21.15 -32.78 -26.16
C ILE C 66 -21.33 -34.08 -26.94
N LEU C 67 -22.02 -35.05 -26.35
CA LEU C 67 -22.23 -36.33 -26.99
C LEU C 67 -23.57 -36.90 -26.55
N THR C 68 -24.05 -37.88 -27.31
CA THR C 68 -25.27 -38.58 -26.94
C THR C 68 -24.97 -40.08 -26.89
N LEU C 69 -25.60 -40.75 -25.93
CA LEU C 69 -25.38 -42.17 -25.68
C LEU C 69 -26.62 -43.02 -25.88
N LYS C 70 -27.65 -42.47 -26.53
CA LYS C 70 -28.89 -43.22 -26.70
C LYS C 70 -28.75 -44.36 -27.71
N HIS C 71 -27.56 -44.48 -28.29
CA HIS C 71 -27.27 -45.58 -29.24
C HIS C 71 -26.37 -46.59 -28.50
N GLY C 72 -26.96 -47.62 -27.90
CA GLY C 72 -26.23 -48.63 -27.15
C GLY C 72 -24.96 -49.05 -27.85
N SER C 73 -24.99 -49.00 -29.19
CA SER C 73 -23.82 -49.30 -30.00
C SER C 73 -22.59 -48.50 -29.59
N GLY C 74 -22.77 -47.26 -29.14
CA GLY C 74 -21.62 -46.49 -28.72
C GLY C 74 -21.95 -45.02 -28.51
N ALA C 75 -20.90 -44.22 -28.52
CA ALA C 75 -21.00 -42.80 -28.22
C ALA C 75 -20.90 -41.99 -29.50
N ILE C 76 -21.90 -41.14 -29.73
CA ILE C 76 -21.89 -40.27 -30.90
C ILE C 76 -21.53 -38.88 -30.43
N ILE C 77 -20.49 -38.29 -31.02
CA ILE C 77 -20.08 -36.95 -30.64
C ILE C 77 -20.97 -35.96 -31.36
N LEU C 78 -21.25 -34.83 -30.69
CA LEU C 78 -22.24 -33.89 -31.20
C LEU C 78 -21.63 -32.58 -31.71
N SER C 79 -21.02 -31.78 -30.83
CA SER C 79 -20.59 -30.45 -31.21
C SER C 79 -19.21 -30.15 -30.64
N LYS C 80 -18.30 -29.75 -31.54
CA LYS C 80 -16.96 -29.33 -31.15
C LYS C 80 -16.97 -28.02 -30.37
N GLU C 81 -17.88 -27.11 -30.72
CA GLU C 81 -17.95 -25.82 -30.05
C GLU C 81 -18.29 -25.96 -28.58
N LYS C 82 -19.19 -26.88 -28.24
CA LYS C 82 -19.59 -27.05 -26.85
C LYS C 82 -18.50 -27.75 -26.04
N ALA C 83 -17.71 -28.62 -26.68
CA ALA C 83 -16.55 -29.21 -26.00
C ALA C 83 -15.53 -28.15 -25.61
N ILE C 84 -15.28 -27.17 -26.50
CA ILE C 84 -14.35 -26.11 -26.18
C ILE C 84 -14.89 -25.26 -25.03
N GLU C 85 -16.19 -24.97 -25.05
CA GLU C 85 -16.82 -24.27 -23.92
C GLU C 85 -16.58 -25.02 -22.62
N PHE C 86 -16.77 -26.34 -22.65
CA PHE C 86 -16.52 -27.16 -21.46
C PHE C 86 -15.08 -27.03 -21.00
N LEU C 87 -14.13 -27.05 -21.94
CA LEU C 87 -12.73 -26.93 -21.57
C LEU C 87 -12.42 -25.57 -20.94
N ASN C 88 -12.95 -24.50 -21.51
CA ASN C 88 -12.72 -23.16 -20.99
C ASN C 88 -13.24 -23.03 -19.56
N GLN C 89 -14.49 -23.47 -19.35
CA GLN C 89 -15.06 -23.38 -18.00
C GLN C 89 -14.34 -24.31 -17.05
N TYR C 90 -13.84 -25.44 -17.54
CA TYR C 90 -13.12 -26.36 -16.67
C TYR C 90 -11.85 -25.71 -16.14
N GLU C 91 -11.08 -25.09 -17.03
CA GLU C 91 -9.88 -24.39 -16.56
C GLU C 91 -10.25 -23.26 -15.59
N THR C 92 -11.28 -22.46 -15.92
CA THR C 92 -11.63 -21.36 -15.04
C THR C 92 -12.12 -21.86 -13.68
N SER C 93 -12.90 -22.93 -13.65
CA SER C 93 -13.44 -23.44 -12.40
C SER C 93 -12.44 -24.29 -11.62
N HIS C 94 -11.23 -24.48 -12.12
CA HIS C 94 -10.29 -25.32 -11.41
C HIS C 94 -9.78 -24.54 -10.21
N SER C 95 -9.55 -25.23 -9.10
CA SER C 95 -9.27 -24.53 -7.85
C SER C 95 -8.01 -23.69 -7.91
N VAL C 96 -7.10 -23.95 -8.85
CA VAL C 96 -5.93 -23.08 -8.94
C VAL C 96 -6.28 -21.74 -9.59
N ALA C 97 -7.25 -21.74 -10.51
CA ALA C 97 -7.67 -20.50 -11.15
C ALA C 97 -8.37 -19.57 -10.17
N ILE C 98 -9.32 -20.11 -9.40
CA ILE C 98 -10.09 -19.27 -8.49
C ILE C 98 -9.18 -18.64 -7.43
N LEU C 99 -8.25 -19.43 -6.87
CA LEU C 99 -7.30 -18.85 -5.92
C LEU C 99 -6.45 -17.75 -6.55
N LYS C 100 -6.03 -17.93 -7.81
CA LYS C 100 -5.29 -16.87 -8.48
C LYS C 100 -6.11 -15.59 -8.54
N GLY C 101 -7.39 -15.71 -8.92
CA GLY C 101 -8.25 -14.54 -8.98
C GLY C 101 -8.48 -13.92 -7.60
N LYS C 102 -8.66 -14.76 -6.58
CA LYS C 102 -8.85 -14.27 -5.23
C LYS C 102 -7.61 -13.51 -4.73
N ILE C 103 -6.43 -14.02 -5.04
CA ILE C 103 -5.21 -13.35 -4.63
C ILE C 103 -5.08 -12.01 -5.32
N ARG C 104 -5.45 -11.95 -6.61
CA ARG C 104 -5.41 -10.67 -7.30
C ARG C 104 -6.40 -9.68 -6.69
N ASP C 105 -7.61 -10.16 -6.37
CA ASP C 105 -8.61 -9.31 -5.73
C ASP C 105 -8.12 -8.80 -4.38
N ASN C 106 -7.48 -9.66 -3.59
CA ASN C 106 -6.94 -9.27 -2.30
C ASN C 106 -5.89 -8.17 -2.46
N ILE C 107 -4.96 -8.36 -3.40
CA ILE C 107 -3.90 -7.36 -3.60
C ILE C 107 -4.50 -6.03 -4.02
N LYS C 108 -5.51 -6.05 -4.91
CA LYS C 108 -6.08 -4.79 -5.37
C LYS C 108 -6.90 -4.13 -4.26
N ALA C 109 -7.66 -4.90 -3.48
CA ALA C 109 -8.38 -4.34 -2.34
C ALA C 109 -7.42 -3.66 -1.37
N GLN C 110 -6.27 -4.29 -1.10
CA GLN C 110 -5.31 -3.66 -0.19
C GLN C 110 -4.70 -2.41 -0.80
N GLN C 111 -4.51 -2.40 -2.12
CA GLN C 111 -4.00 -1.20 -2.78
C GLN C 111 -4.96 -0.03 -2.60
N GLN C 112 -6.26 -0.26 -2.79
CA GLN C 112 -7.25 0.79 -2.55
C GLN C 112 -7.28 1.21 -1.09
N GLU C 113 -7.21 0.25 -0.17
CA GLU C 113 -7.20 0.60 1.25
C GLU C 113 -6.01 1.48 1.60
N MSE C 114 -4.84 1.20 1.01
CA MSE C 114 -3.68 2.03 1.24
C MSE C 114 -3.82 3.39 0.55
O MSE C 114 -3.27 4.38 1.02
CB MSE C 114 -2.41 1.34 0.75
CG MSE C 114 -1.93 0.23 1.65
SE MSE C 114 -0.22 -0.43 1.01
CE MSE C 114 -0.54 -0.17 -0.89
N GLU C 115 -4.55 3.44 -0.57
CA GLU C 115 -4.87 4.73 -1.19
C GLU C 115 -5.67 5.60 -0.22
N GLU C 116 -6.71 5.01 0.37
CA GLU C 116 -7.50 5.67 1.40
C GLU C 116 -6.63 6.10 2.57
N LEU C 117 -5.78 5.19 3.06
CA LEU C 117 -4.89 5.52 4.17
C LEU C 117 -4.00 6.71 3.83
N ALA C 118 -3.49 6.74 2.59
CA ALA C 118 -2.63 7.84 2.16
C ALA C 118 -3.37 9.18 2.27
N THR C 119 -4.64 9.20 1.86
CA THR C 119 -5.38 10.46 1.98
C THR C 119 -5.74 10.79 3.44
N LEU C 120 -6.11 9.77 4.22
CA LEU C 120 -6.47 9.99 5.61
C LEU C 120 -5.31 10.53 6.44
N VAL C 121 -4.10 9.98 6.25
CA VAL C 121 -2.99 10.45 7.06
C VAL C 121 -2.53 11.83 6.59
N ASP C 122 -2.68 12.13 5.30
CA ASP C 122 -2.44 13.50 4.84
C ASP C 122 -3.32 14.48 5.59
N ASP C 123 -4.64 14.27 5.58
CA ASP C 123 -5.53 15.17 6.29
C ASP C 123 -5.27 15.15 7.80
N PHE C 124 -4.85 14.00 8.32
CA PHE C 124 -4.55 13.85 9.74
C PHE C 124 -3.31 14.64 10.16
N LEU C 125 -2.22 14.57 9.38
CA LEU C 125 -1.00 15.31 9.70
C LEU C 125 -1.11 16.81 9.43
N LEU C 126 -1.93 17.23 8.46
CA LEU C 126 -2.02 18.65 8.16
C LEU C 126 -2.36 19.50 9.38
N GLN C 127 -3.09 18.94 10.35
CA GLN C 127 -3.63 19.69 11.48
C GLN C 127 -2.62 19.97 12.60
N THR C 128 -1.51 20.62 12.24
CA THR C 128 -0.54 21.08 13.24
C THR C 128 -0.49 22.60 13.29
N ARG C 129 -0.04 23.11 14.45
CA ARG C 129 0.04 24.55 14.71
C ARG C 129 1.49 24.97 14.88
N ALA C 130 1.81 26.19 14.42
CA ALA C 130 3.18 26.72 14.46
C ALA C 130 3.51 27.16 15.87
N VAL C 131 4.25 26.32 16.60
CA VAL C 131 4.59 26.62 17.99
C VAL C 131 5.55 27.80 18.10
N SER C 132 6.41 28.03 17.10
CA SER C 132 7.48 29.00 17.28
C SER C 132 7.86 29.76 16.01
N LYS C 133 7.43 29.27 14.85
CA LYS C 133 7.95 29.83 13.60
C LYS C 133 7.36 31.18 13.24
N GLN C 134 6.09 31.40 13.55
CA GLN C 134 5.44 32.64 13.16
C GLN C 134 5.81 33.71 14.18
N TYR C 135 7.03 34.23 14.07
CA TYR C 135 7.43 35.32 14.96
C TYR C 135 6.56 36.56 14.76
N PRO C 136 6.12 36.91 13.53
CA PRO C 136 5.22 38.07 13.41
C PRO C 136 3.86 37.83 14.00
N LEU C 137 3.50 36.58 14.29
CA LEU C 137 2.20 36.24 14.86
C LEU C 137 2.30 35.97 16.35
N ALA C 138 3.45 36.21 16.96
CA ALA C 138 3.55 36.10 18.41
C ALA C 138 2.66 37.17 19.05
N PRO C 139 1.83 36.81 20.03
CA PRO C 139 0.90 37.79 20.59
C PRO C 139 1.59 38.76 21.53
N TYR C 140 0.97 39.92 21.68
CA TYR C 140 1.36 40.86 22.70
C TYR C 140 0.36 40.72 23.85
N GLU C 141 0.74 41.19 25.04
CA GLU C 141 -0.12 41.11 26.22
C GLU C 141 -0.29 42.51 26.73
N ILE C 142 -1.54 42.94 26.83
CA ILE C 142 -1.87 44.21 27.44
C ILE C 142 -2.68 43.90 28.70
N ILE C 143 -2.51 44.74 29.70
CA ILE C 143 -3.21 44.58 30.97
C ILE C 143 -4.08 45.80 31.17
N VAL C 144 -5.40 45.61 31.25
CA VAL C 144 -6.23 46.77 31.50
C VAL C 144 -6.12 47.06 32.99
N SER C 145 -5.10 47.85 33.35
CA SER C 145 -4.84 48.17 34.75
C SER C 145 -5.58 49.43 35.19
N GLU C 146 -6.19 50.14 34.25
CA GLU C 146 -6.95 51.35 34.50
C GLU C 146 -8.35 51.20 33.93
N ASP C 147 -9.35 51.17 34.81
CA ASP C 147 -10.76 51.05 34.42
C ASP C 147 -11.27 52.40 33.93
N SER C 148 -11.31 52.54 32.60
CA SER C 148 -11.75 53.83 32.02
C SER C 148 -12.26 53.61 30.60
N GLU C 149 -13.16 54.48 30.14
CA GLU C 149 -13.65 54.45 28.75
C GLU C 149 -14.24 53.11 28.32
N HIS C 150 -13.74 52.57 27.23
CA HIS C 150 -14.23 51.31 26.61
C HIS C 150 -14.06 50.18 27.62
N LEU C 151 -15.20 49.69 28.15
CA LEU C 151 -15.22 48.61 29.16
C LEU C 151 -16.68 48.16 29.26
N GLY C 152 -16.96 46.88 29.52
CA GLY C 152 -18.30 46.37 29.68
C GLY C 152 -19.09 46.30 28.40
N LYS C 153 -18.41 46.40 27.26
CA LYS C 153 -19.01 46.33 25.94
C LYS C 153 -18.36 45.18 25.18
N SER C 154 -19.08 44.63 24.20
CA SER C 154 -18.49 43.58 23.41
C SER C 154 -17.50 44.20 22.43
N ILE C 155 -16.43 43.47 22.13
CA ILE C 155 -15.36 44.05 21.32
C ILE C 155 -15.82 44.32 19.90
N GLY C 156 -16.76 43.52 19.38
CA GLY C 156 -17.22 43.76 18.02
C GLY C 156 -17.90 45.10 17.86
N GLU C 157 -18.77 45.47 18.80
CA GLU C 157 -19.39 46.79 18.78
C GLU C 157 -18.42 47.90 19.19
N LEU C 158 -17.28 47.52 19.77
CA LEU C 158 -16.28 48.46 20.24
C LEU C 158 -15.41 49.01 19.12
N ASN C 159 -15.53 48.45 17.91
CA ASN C 159 -14.69 48.83 16.78
C ASN C 159 -13.22 48.74 17.14
N VAL C 160 -12.84 47.60 17.73
CA VAL C 160 -11.46 47.45 18.19
C VAL C 160 -10.50 47.54 17.00
N TRP C 161 -10.68 46.68 15.99
CA TRP C 161 -9.77 46.70 14.86
C TRP C 161 -9.81 48.03 14.12
N HIS C 162 -10.99 48.66 14.08
CA HIS C 162 -11.15 49.94 13.41
C HIS C 162 -10.18 50.97 13.97
N GLN C 163 -10.17 51.11 15.29
CA GLN C 163 -9.44 52.19 15.96
C GLN C 163 -8.08 51.77 16.49
N THR C 164 -7.81 50.47 16.63
CA THR C 164 -6.51 50.02 17.10
C THR C 164 -5.74 49.16 16.10
N GLY C 165 -6.39 48.60 15.09
CA GLY C 165 -5.71 47.73 14.15
C GLY C 165 -5.25 46.40 14.71
N ALA C 166 -5.90 45.89 15.76
CA ALA C 166 -5.51 44.67 16.42
C ALA C 166 -6.69 43.70 16.46
N THR C 167 -6.38 42.41 16.37
CA THR C 167 -7.37 41.34 16.51
C THR C 167 -7.10 40.62 17.82
N ILE C 168 -8.07 40.67 18.74
CA ILE C 168 -7.92 39.98 20.01
C ILE C 168 -7.99 38.48 19.80
N VAL C 169 -7.01 37.76 20.35
CA VAL C 169 -6.92 36.32 20.20
C VAL C 169 -7.20 35.58 21.52
N ALA C 170 -7.04 36.24 22.67
CA ALA C 170 -7.30 35.60 23.95
C ALA C 170 -7.60 36.67 25.01
N ILE C 171 -8.36 36.27 26.02
CA ILE C 171 -8.78 37.16 27.11
C ILE C 171 -8.70 36.36 28.41
N GLU C 172 -7.95 36.87 29.40
CA GLU C 172 -7.84 36.23 30.70
C GLU C 172 -8.66 37.03 31.72
N HIS C 173 -9.89 36.57 31.98
CA HIS C 173 -10.83 37.27 32.87
C HIS C 173 -11.17 36.41 34.09
N GLU C 174 -10.77 36.87 35.28
CA GLU C 174 -11.06 36.19 36.55
C GLU C 174 -10.58 34.74 36.54
N GLY C 175 -9.31 34.56 36.21
CA GLY C 175 -8.76 33.23 36.34
C GLY C 175 -9.21 32.26 35.27
N LYS C 176 -9.75 32.74 34.16
CA LYS C 176 -10.13 31.88 33.05
C LYS C 176 -9.49 32.39 31.76
N PHE C 177 -8.54 31.62 31.22
CA PHE C 177 -7.84 31.98 29.99
C PHE C 177 -8.68 31.47 28.83
N ILE C 178 -9.19 32.40 28.02
CA ILE C 178 -10.13 32.09 26.96
C ILE C 178 -9.43 32.31 25.63
N VAL C 179 -9.36 31.25 24.81
CA VAL C 179 -8.74 31.31 23.49
C VAL C 179 -9.84 31.58 22.47
N SER C 180 -9.55 32.48 21.53
CA SER C 180 -10.46 32.84 20.44
C SER C 180 -11.80 33.23 21.05
N PRO C 181 -11.90 34.41 21.66
CA PRO C 181 -13.09 34.72 22.47
C PRO C 181 -14.27 35.25 21.66
N GLY C 182 -14.02 35.75 20.44
CA GLY C 182 -15.08 36.19 19.56
C GLY C 182 -15.55 37.61 19.77
N PRO C 183 -16.29 38.14 18.79
CA PRO C 183 -16.74 39.54 18.84
C PRO C 183 -17.65 39.84 20.02
N PHE C 184 -18.40 38.85 20.49
CA PHE C 184 -19.33 39.01 21.60
C PHE C 184 -18.65 38.99 22.95
N SER C 185 -17.34 39.14 23.02
CA SER C 185 -16.66 39.02 24.30
C SER C 185 -16.39 40.41 24.87
N VAL C 186 -16.51 40.51 26.18
CA VAL C 186 -16.54 41.77 26.88
C VAL C 186 -15.23 41.95 27.64
N ILE C 187 -14.79 43.19 27.77
CA ILE C 187 -13.54 43.53 28.45
C ILE C 187 -13.91 44.13 29.81
N GLU C 188 -13.28 43.62 30.85
CA GLU C 188 -13.49 44.13 32.20
C GLU C 188 -12.15 44.58 32.75
N GLN C 189 -12.17 45.20 33.94
CA GLN C 189 -10.93 45.69 34.52
C GLN C 189 -10.13 44.54 35.11
N GLY C 190 -8.82 44.53 34.82
CA GLY C 190 -7.95 43.50 35.33
C GLY C 190 -7.80 42.30 34.44
N ASP C 191 -8.18 42.41 33.16
CA ASP C 191 -8.03 41.30 32.24
C ASP C 191 -6.71 41.44 31.50
N HIS C 192 -6.13 40.29 31.16
CA HIS C 192 -4.97 40.26 30.27
C HIS C 192 -5.50 40.01 28.87
N ILE C 193 -5.22 40.92 27.96
CA ILE C 193 -5.74 40.86 26.60
C ILE C 193 -4.59 40.57 25.65
N PHE C 194 -4.68 39.46 24.94
CA PHE C 194 -3.71 39.10 23.93
C PHE C 194 -4.27 39.44 22.56
N PHE C 195 -3.41 39.99 21.70
CA PHE C 195 -3.82 40.48 20.40
C PHE C 195 -2.62 40.37 19.48
N VAL C 196 -2.87 40.47 18.18
CA VAL C 196 -1.78 40.38 17.22
C VAL C 196 -1.75 41.64 16.37
N GLY C 197 -0.57 41.96 15.86
CA GLY C 197 -0.36 43.16 15.07
C GLY C 197 1.13 43.47 14.97
N ASP C 198 1.44 44.77 14.86
CA ASP C 198 2.81 45.23 14.78
C ASP C 198 3.21 46.02 16.01
N GLU C 199 4.47 46.46 16.01
CA GLU C 199 5.03 47.24 17.11
C GLU C 199 4.20 48.48 17.39
N ASP C 200 3.60 49.07 16.34
CA ASP C 200 2.82 50.28 16.49
C ASP C 200 1.38 49.96 16.86
N VAL C 201 0.95 48.71 16.70
CA VAL C 201 -0.38 48.32 17.12
C VAL C 201 -0.39 48.10 18.62
N TYR C 202 0.73 47.64 19.18
CA TYR C 202 0.86 47.57 20.63
C TYR C 202 0.71 48.93 21.27
N ALA C 203 1.45 49.92 20.76
CA ALA C 203 1.28 51.29 21.23
C ALA C 203 -0.16 51.77 21.02
N ARG C 204 -0.73 51.54 19.84
CA ARG C 204 -2.11 51.97 19.60
C ARG C 204 -3.08 51.24 20.53
N MSE C 205 -2.82 49.97 20.80
CA MSE C 205 -3.71 49.20 21.68
C MSE C 205 -3.72 49.84 23.05
O MSE C 205 -4.79 50.22 23.57
CB MSE C 205 -3.28 47.74 21.77
CG MSE C 205 -4.34 46.82 22.36
SE MSE C 205 -5.91 46.70 21.20
CE MSE C 205 -7.00 45.49 22.26
N LYS C 206 -2.53 49.97 23.62
CA LYS C 206 -2.36 50.55 24.95
C LYS C 206 -3.02 51.93 25.05
N THR C 207 -2.63 52.84 24.14
CA THR C 207 -3.20 54.18 24.10
C THR C 207 -4.73 54.13 24.04
N TYR C 208 -5.28 53.09 23.42
CA TYR C 208 -6.73 53.02 23.25
C TYR C 208 -7.42 52.82 24.60
N PHE C 209 -6.79 52.08 25.51
CA PHE C 209 -7.40 51.73 26.79
C PHE C 209 -7.00 52.68 27.92
N ASN C 210 -6.64 53.93 27.60
CA ASN C 210 -6.20 54.93 28.60
C ASN C 210 -5.17 54.34 29.55
N LEU C 211 -4.33 53.45 29.04
CA LEU C 211 -3.25 52.91 29.82
C LEU C 211 -2.02 53.81 29.75
N ARG C 212 -1.64 54.21 28.55
CA ARG C 212 -0.51 55.12 28.33
C ARG C 212 -0.52 55.69 26.92
N MSE D 3 7.56 5.31 28.94
CA MSE D 3 6.08 5.36 28.86
C MSE D 3 5.54 6.39 29.86
O MSE D 3 6.21 6.60 30.90
CB MSE D 3 5.49 3.96 29.09
CG MSE D 3 6.26 3.13 30.10
SE MSE D 3 6.04 3.78 31.94
CE MSE D 3 4.16 3.66 32.47
N VAL D 4 4.39 7.00 29.56
CA VAL D 4 3.80 8.03 30.45
C VAL D 4 2.63 7.42 31.21
N SER D 5 2.63 7.54 32.55
CA SER D 5 1.52 6.98 33.37
C SER D 5 0.23 7.73 33.01
N GLU D 6 -0.92 7.06 33.20
CA GLU D 6 -2.23 7.70 32.89
C GLU D 6 -2.54 8.84 33.88
N GLN D 7 -1.73 8.96 34.94
CA GLN D 7 -1.93 10.03 35.94
C GLN D 7 -0.83 11.08 35.74
N SER D 8 -0.36 11.24 34.49
CA SER D 8 0.72 12.21 34.21
C SER D 8 0.43 12.98 32.91
N GLU D 9 1.29 13.95 32.60
CA GLU D 9 1.19 14.80 31.43
C GLU D 9 2.59 15.10 30.90
N ILE D 10 2.65 15.47 29.62
CA ILE D 10 3.88 15.94 28.99
C ILE D 10 3.75 17.45 28.80
N VAL D 11 4.79 18.18 29.20
CA VAL D 11 4.81 19.64 29.13
C VAL D 11 6.18 20.08 28.64
N THR D 12 6.21 21.20 27.92
CA THR D 12 7.47 21.81 27.53
C THR D 12 7.97 22.68 28.67
N SER D 13 9.24 22.50 29.04
CA SER D 13 9.83 23.22 30.16
C SER D 13 9.63 24.72 29.98
N LYS D 14 9.35 25.41 31.09
CA LYS D 14 9.11 26.85 31.05
C LYS D 14 10.29 27.61 30.44
N TYR D 15 11.52 27.17 30.69
CA TYR D 15 12.66 27.91 30.17
C TYR D 15 12.66 27.88 28.64
N GLN D 16 12.30 26.76 28.03
CA GLN D 16 12.17 26.72 26.59
C GLN D 16 11.09 27.69 26.10
N LYS D 17 9.96 27.76 26.82
CA LYS D 17 8.92 28.73 26.48
C LYS D 17 9.46 30.15 26.54
N ILE D 18 10.20 30.47 27.59
CA ILE D 18 10.83 31.77 27.70
C ILE D 18 11.76 32.01 26.51
N ALA D 19 12.58 31.00 26.20
CA ALA D 19 13.51 31.09 25.08
C ALA D 19 12.80 31.44 23.78
N VAL D 20 11.75 30.69 23.43
CA VAL D 20 11.04 30.94 22.19
C VAL D 20 10.34 32.30 22.22
N ALA D 21 9.74 32.67 23.35
CA ALA D 21 9.07 33.97 23.44
C ALA D 21 10.04 35.11 23.15
N VAL D 22 11.19 35.10 23.81
CA VAL D 22 12.15 36.20 23.63
C VAL D 22 12.73 36.15 22.22
N ALA D 23 12.99 34.94 21.69
CA ALA D 23 13.48 34.83 20.32
C ALA D 23 12.47 35.36 19.33
N GLN D 24 11.18 35.10 19.56
CA GLN D 24 10.13 35.65 18.70
C GLN D 24 10.12 37.17 18.74
N ARG D 25 10.25 37.76 19.93
CA ARG D 25 10.31 39.22 20.02
C ARG D 25 11.48 39.76 19.21
N ILE D 26 12.66 39.15 19.40
CA ILE D 26 13.86 39.57 18.67
C ILE D 26 13.66 39.44 17.16
N ALA D 27 13.11 38.30 16.74
CA ALA D 27 12.98 38.00 15.31
C ALA D 27 11.93 38.86 14.64
N ASN D 28 10.87 39.23 15.35
CA ASN D 28 9.89 40.12 14.77
C ASN D 28 10.40 41.56 14.75
N GLY D 29 11.33 41.90 15.64
CA GLY D 29 11.95 43.21 15.64
C GLY D 29 11.56 44.10 16.79
N ASP D 30 10.69 43.61 17.69
CA ASP D 30 10.34 44.38 18.87
C ASP D 30 11.57 44.70 19.71
N TYR D 31 12.50 43.75 19.81
CA TYR D 31 13.79 43.96 20.45
C TYR D 31 14.85 44.13 19.37
N GLU D 32 15.27 45.36 19.13
CA GLU D 32 16.26 45.65 18.12
C GLU D 32 17.59 45.03 18.56
N VAL D 33 18.54 44.95 17.63
CA VAL D 33 19.80 44.27 17.91
C VAL D 33 20.59 44.98 19.01
N GLY D 34 20.76 46.29 18.88
CA GLY D 34 21.53 47.01 19.87
C GLY D 34 20.96 46.94 21.28
N GLU D 35 19.63 46.87 21.39
CA GLU D 35 18.94 47.00 22.67
C GLU D 35 19.30 45.91 23.69
N LYS D 36 19.24 46.30 24.96
CA LYS D 36 19.48 45.45 26.11
C LYS D 36 18.15 44.96 26.69
N LEU D 37 18.17 43.75 27.24
CA LEU D 37 17.01 43.19 27.90
C LEU D 37 16.99 43.62 29.37
N LYS D 38 15.87 43.34 30.03
CA LYS D 38 15.76 43.72 31.42
C LYS D 38 16.58 42.74 32.27
N SER D 39 16.59 42.99 33.58
CA SER D 39 17.37 42.14 34.47
C SER D 39 16.82 40.72 34.52
N ARG D 40 17.70 39.77 34.84
CA ARG D 40 17.29 38.37 34.96
C ARG D 40 16.16 38.22 35.96
N THR D 41 16.12 39.08 36.98
CA THR D 41 15.06 39.02 37.97
C THR D 41 13.76 39.62 37.46
N THR D 42 13.85 40.63 36.59
CA THR D 42 12.65 41.24 36.03
C THR D 42 11.98 40.29 35.04
N ILE D 43 12.77 39.59 34.23
CA ILE D 43 12.21 38.61 33.30
C ILE D 43 11.57 37.46 34.05
N ALA D 44 12.19 37.04 35.15
CA ALA D 44 11.60 36.00 35.99
C ALA D 44 10.25 36.43 36.53
N SER D 45 10.13 37.69 36.97
CA SER D 45 8.84 38.15 37.49
C SER D 45 7.81 38.33 36.38
N THR D 46 8.22 38.80 35.21
CA THR D 46 7.28 38.93 34.09
C THR D 46 6.72 37.57 33.68
N PHE D 47 7.58 36.55 33.63
CA PHE D 47 7.12 35.21 33.28
C PHE D 47 6.68 34.40 34.51
N ASN D 48 6.66 35.03 35.68
CA ASN D 48 6.24 34.39 36.94
C ASN D 48 6.98 33.08 37.20
N VAL D 49 8.27 33.07 36.88
CA VAL D 49 9.10 31.88 37.03
C VAL D 49 10.27 32.24 37.94
N SER D 50 10.99 31.20 38.37
CA SER D 50 12.15 31.42 39.20
C SER D 50 13.21 32.17 38.41
N PRO D 51 14.06 32.96 39.07
CA PRO D 51 15.18 33.59 38.33
C PRO D 51 16.07 32.55 37.68
N GLU D 52 16.16 31.37 38.31
CA GLU D 52 16.99 30.30 37.82
C GLU D 52 16.48 29.71 36.51
N THR D 53 15.16 29.53 36.38
CA THR D 53 14.62 29.07 35.09
C THR D 53 14.84 30.14 34.01
N ALA D 54 14.62 31.41 34.36
CA ALA D 54 14.94 32.49 33.44
C ALA D 54 16.41 32.46 33.08
N ARG D 55 17.26 32.07 34.04
CA ARG D 55 18.68 31.94 33.77
C ARG D 55 18.91 30.86 32.71
N LYS D 56 18.16 29.76 32.78
CA LYS D 56 18.26 28.72 31.75
C LYS D 56 17.81 29.22 30.39
N GLY D 57 16.69 29.95 30.32
CA GLY D 57 16.24 30.49 29.04
C GLY D 57 17.27 31.40 28.40
N LEU D 58 17.83 32.32 29.19
CA LEU D 58 18.81 33.23 28.65
C LEU D 58 20.10 32.50 28.29
N ASN D 59 20.43 31.44 29.04
CA ASN D 59 21.54 30.58 28.67
C ASN D 59 21.28 29.83 27.38
N ILE D 60 20.02 29.48 27.10
CA ILE D 60 19.70 28.84 25.83
C ILE D 60 20.07 29.77 24.68
N LEU D 61 19.57 31.01 24.74
CA LEU D 61 19.87 31.93 23.64
C LEU D 61 21.35 32.34 23.64
N ALA D 62 22.01 32.32 24.80
CA ALA D 62 23.45 32.56 24.83
C ALA D 62 24.21 31.46 24.09
N ASP D 63 23.90 30.20 24.38
CA ASP D 63 24.53 29.09 23.68
C ASP D 63 24.25 29.13 22.19
N LEU D 64 23.09 29.66 21.79
CA LEU D 64 22.80 29.85 20.38
C LEU D 64 23.30 31.19 19.86
N GLN D 65 24.06 31.94 20.67
CA GLN D 65 24.68 33.19 20.23
C GLN D 65 23.66 34.24 19.82
N ILE D 66 22.47 34.17 20.42
CA ILE D 66 21.45 35.20 20.23
C ILE D 66 21.64 36.33 21.25
N LEU D 67 22.25 36.02 22.39
CA LEU D 67 22.48 37.00 23.43
C LEU D 67 23.83 36.71 24.08
N THR D 68 24.40 37.75 24.68
CA THR D 68 25.59 37.62 25.50
C THR D 68 25.30 38.31 26.81
N LEU D 69 25.80 37.73 27.91
CA LEU D 69 25.51 38.23 29.24
C LEU D 69 26.77 38.69 29.97
N LYS D 70 27.85 38.99 29.25
CA LYS D 70 29.06 39.41 29.95
C LYS D 70 28.89 40.74 30.64
N HIS D 71 27.70 41.33 30.57
CA HIS D 71 27.39 42.61 31.17
C HIS D 71 26.35 42.40 32.27
N GLY D 72 26.59 42.99 33.44
CA GLY D 72 25.64 42.86 34.53
C GLY D 72 24.37 43.64 34.35
N SER D 73 24.43 44.75 33.60
CA SER D 73 23.23 45.55 33.35
C SER D 73 22.13 44.73 32.68
N GLY D 74 22.52 43.78 31.82
CA GLY D 74 21.53 42.93 31.20
C GLY D 74 22.12 42.16 30.02
N ALA D 75 21.23 41.66 29.18
CA ALA D 75 21.58 40.85 28.02
C ALA D 75 21.44 41.68 26.76
N ILE D 76 22.46 41.66 25.92
CA ILE D 76 22.48 42.44 24.68
C ILE D 76 22.09 41.53 23.52
N ILE D 77 21.24 42.05 22.63
CA ILE D 77 20.79 41.24 21.51
C ILE D 77 21.93 41.11 20.52
N LEU D 78 22.05 39.93 19.89
CA LEU D 78 23.17 39.66 18.99
C LEU D 78 22.75 39.53 17.54
N SER D 79 21.88 38.58 17.21
CA SER D 79 21.52 38.32 15.82
C SER D 79 20.02 38.12 15.70
N LYS D 80 19.38 38.91 14.83
CA LYS D 80 17.97 38.70 14.52
C LYS D 80 17.76 37.43 13.69
N GLU D 81 18.65 37.17 12.73
CA GLU D 81 18.50 35.99 11.89
C GLU D 81 18.72 34.71 12.70
N LYS D 82 19.65 34.73 13.64
CA LYS D 82 19.87 33.53 14.45
C LYS D 82 18.72 33.28 15.41
N ALA D 83 17.99 34.31 15.82
CA ALA D 83 16.74 34.06 16.53
C ALA D 83 15.77 33.32 15.63
N ILE D 84 15.70 33.72 14.35
CA ILE D 84 14.86 33.02 13.39
C ILE D 84 15.37 31.61 13.15
N GLU D 85 16.69 31.45 13.03
CA GLU D 85 17.28 30.12 12.91
C GLU D 85 16.91 29.23 14.08
N PHE D 86 17.00 29.77 15.30
CA PHE D 86 16.63 29.01 16.49
C PHE D 86 15.17 28.60 16.43
N LEU D 87 14.30 29.52 15.98
CA LEU D 87 12.89 29.18 15.83
C LEU D 87 12.70 28.06 14.80
N ASN D 88 13.45 28.12 13.68
CA ASN D 88 13.37 27.08 12.66
C ASN D 88 13.73 25.72 13.26
N GLN D 89 14.84 25.68 14.01
CA GLN D 89 15.32 24.43 14.58
C GLN D 89 14.35 23.91 15.64
N TYR D 90 13.78 24.82 16.43
CA TYR D 90 12.85 24.42 17.47
C TYR D 90 11.60 23.80 16.88
N GLU D 91 11.02 24.44 15.87
CA GLU D 91 9.83 23.88 15.23
C GLU D 91 10.14 22.53 14.60
N THR D 92 11.14 22.47 13.71
CA THR D 92 11.41 21.21 13.04
C THR D 92 11.84 20.13 14.03
N SER D 93 12.32 20.52 15.21
CA SER D 93 12.71 19.58 16.25
C SER D 93 11.60 19.29 17.23
N HIS D 94 10.39 19.83 17.00
CA HIS D 94 9.31 19.60 17.92
C HIS D 94 8.81 18.15 17.83
N SER D 95 8.13 17.71 18.88
CA SER D 95 7.73 16.31 18.97
C SER D 95 6.74 15.94 17.86
N VAL D 96 5.78 16.81 17.56
CA VAL D 96 4.83 16.48 16.49
C VAL D 96 5.49 16.55 15.12
N ALA D 97 6.54 17.36 14.99
CA ALA D 97 7.28 17.40 13.73
C ALA D 97 7.96 16.06 13.47
N ILE D 98 8.64 15.53 14.50
CA ILE D 98 9.37 14.28 14.34
C ILE D 98 8.41 13.15 14.00
N LEU D 99 7.31 13.05 14.74
CA LEU D 99 6.30 12.04 14.44
C LEU D 99 5.69 12.23 13.06
N LYS D 100 5.49 13.47 12.64
CA LYS D 100 4.97 13.75 11.30
C LYS D 100 5.88 13.11 10.25
N GLY D 101 7.20 13.36 10.39
CA GLY D 101 8.15 12.77 9.47
C GLY D 101 8.20 11.25 9.57
N LYS D 102 8.13 10.71 10.78
CA LYS D 102 8.16 9.26 10.97
C LYS D 102 6.97 8.60 10.30
N ILE D 103 5.78 9.19 10.44
CA ILE D 103 4.58 8.62 9.85
C ILE D 103 4.66 8.68 8.33
N ARG D 104 5.15 9.79 7.78
CA ARG D 104 5.29 9.88 6.33
C ARG D 104 6.28 8.84 5.80
N ASP D 105 7.42 8.67 6.50
CA ASP D 105 8.39 7.66 6.10
C ASP D 105 7.81 6.25 6.18
N ASN D 106 7.04 5.96 7.24
CA ASN D 106 6.41 4.65 7.37
C ASN D 106 5.47 4.38 6.21
N ILE D 107 4.65 5.37 5.85
CA ILE D 107 3.70 5.22 4.76
C ILE D 107 4.44 4.96 3.44
N LYS D 108 5.56 5.66 3.23
CA LYS D 108 6.34 5.52 2.00
C LYS D 108 6.99 4.14 1.90
N ALA D 109 7.56 3.68 3.01
CA ALA D 109 8.12 2.34 3.07
C ALA D 109 7.06 1.28 2.78
N GLN D 110 5.85 1.46 3.33
CA GLN D 110 4.81 0.46 3.10
C GLN D 110 4.36 0.45 1.64
N GLN D 111 4.31 1.62 0.99
CA GLN D 111 4.02 1.62 -0.44
C GLN D 111 5.08 0.86 -1.24
N GLN D 112 6.36 1.07 -0.92
CA GLN D 112 7.39 0.29 -1.63
C GLN D 112 7.24 -1.20 -1.36
N GLU D 113 6.96 -1.59 -0.11
CA GLU D 113 6.79 -3.01 0.21
C GLU D 113 5.65 -3.61 -0.60
N MSE D 114 4.57 -2.86 -0.79
CA MSE D 114 3.44 -3.37 -1.58
C MSE D 114 3.75 -3.42 -3.07
O MSE D 114 3.22 -4.26 -3.78
CB MSE D 114 2.19 -2.54 -1.32
CG MSE D 114 1.24 -3.19 -0.32
SE MSE D 114 0.45 -4.86 -0.92
CE MSE D 114 -0.70 -4.20 -2.35
N GLU D 115 4.61 -2.52 -3.56
CA GLU D 115 5.09 -2.66 -4.94
C GLU D 115 5.88 -3.94 -5.11
N GLU D 116 6.80 -4.21 -4.19
CA GLU D 116 7.52 -5.48 -4.21
C GLU D 116 6.56 -6.66 -4.19
N LEU D 117 5.54 -6.59 -3.31
CA LEU D 117 4.53 -7.64 -3.25
C LEU D 117 3.81 -7.82 -4.59
N ALA D 118 3.44 -6.71 -5.24
CA ALA D 118 2.73 -6.81 -6.51
C ALA D 118 3.58 -7.52 -7.55
N THR D 119 4.87 -7.20 -7.63
CA THR D 119 5.71 -7.87 -8.63
C THR D 119 5.94 -9.32 -8.26
N LEU D 120 6.12 -9.61 -6.96
CA LEU D 120 6.33 -10.99 -6.53
C LEU D 120 5.12 -11.86 -6.83
N VAL D 121 3.91 -11.35 -6.60
CA VAL D 121 2.73 -12.16 -6.88
C VAL D 121 2.48 -12.25 -8.37
N ASP D 122 2.85 -11.23 -9.14
CA ASP D 122 2.82 -11.37 -10.60
C ASP D 122 3.64 -12.60 -11.02
N ASP D 123 4.90 -12.65 -10.59
CA ASP D 123 5.76 -13.77 -10.94
C ASP D 123 5.25 -15.10 -10.36
N PHE D 124 4.66 -15.04 -9.16
CA PHE D 124 4.15 -16.22 -8.47
C PHE D 124 2.94 -16.82 -9.19
N LEU D 125 2.03 -15.98 -9.62
CA LEU D 125 0.79 -16.38 -10.28
C LEU D 125 1.02 -16.81 -11.73
N LEU D 126 1.99 -16.20 -12.42
CA LEU D 126 2.23 -16.54 -13.83
C LEU D 126 2.52 -18.03 -14.04
N GLN D 127 3.11 -18.70 -13.05
CA GLN D 127 3.55 -20.09 -13.20
C GLN D 127 2.36 -21.04 -13.00
N THR D 128 1.52 -21.13 -14.03
CA THR D 128 0.40 -22.07 -14.02
C THR D 128 0.28 -22.77 -15.36
N ARG D 129 0.10 -24.10 -15.32
CA ARG D 129 -0.06 -24.92 -16.52
C ARG D 129 -1.53 -25.03 -16.93
N ALA D 130 -1.76 -25.09 -18.25
CA ALA D 130 -3.10 -25.16 -18.83
C ALA D 130 -3.67 -26.57 -18.70
N VAL D 131 -4.67 -26.74 -17.84
CA VAL D 131 -5.29 -28.08 -17.62
C VAL D 131 -6.03 -28.54 -18.88
N SER D 132 -6.77 -27.65 -19.56
CA SER D 132 -7.60 -28.12 -20.71
C SER D 132 -7.67 -27.13 -21.87
N LYS D 133 -7.53 -25.82 -21.62
CA LYS D 133 -7.70 -24.80 -22.69
C LYS D 133 -6.87 -25.16 -23.94
N GLN D 134 -5.79 -25.90 -23.78
CA GLN D 134 -4.93 -26.29 -24.90
C GLN D 134 -5.27 -27.72 -25.27
N TYR D 135 -6.02 -27.86 -26.36
CA TYR D 135 -6.42 -29.13 -26.92
C TYR D 135 -5.53 -29.54 -28.10
N PRO D 136 -4.92 -28.61 -28.86
CA PRO D 136 -3.94 -29.07 -29.85
C PRO D 136 -2.68 -29.62 -29.20
N LEU D 137 -2.49 -29.36 -27.91
CA LEU D 137 -1.34 -29.81 -27.15
C LEU D 137 -1.67 -31.01 -26.27
N ALA D 138 -2.86 -31.57 -26.39
CA ALA D 138 -3.19 -32.80 -25.69
C ALA D 138 -2.30 -33.91 -26.21
N PRO D 139 -1.66 -34.70 -25.35
CA PRO D 139 -0.69 -35.68 -25.83
C PRO D 139 -1.37 -36.90 -26.45
N TYR D 140 -0.66 -37.53 -27.37
CA TYR D 140 -1.03 -38.83 -27.92
C TYR D 140 -0.21 -39.91 -27.24
N GLU D 141 -0.67 -41.16 -27.34
CA GLU D 141 0.00 -42.26 -26.66
C GLU D 141 0.15 -43.47 -27.57
N ILE D 142 1.38 -43.94 -27.75
CA ILE D 142 1.69 -45.18 -28.45
C ILE D 142 2.33 -46.15 -27.46
N ILE D 143 2.25 -47.44 -27.77
CA ILE D 143 2.87 -48.46 -26.87
C ILE D 143 4.00 -49.12 -27.66
N VAL D 144 5.15 -49.37 -27.03
CA VAL D 144 6.23 -50.15 -27.72
C VAL D 144 5.79 -51.58 -27.46
N SER D 145 4.75 -52.02 -28.15
CA SER D 145 4.10 -53.33 -27.95
C SER D 145 4.74 -54.31 -28.92
N GLU D 146 4.84 -53.90 -30.19
CA GLU D 146 5.52 -54.76 -31.20
C GLU D 146 7.01 -54.40 -31.15
N ASP D 147 7.88 -55.41 -31.01
CA ASP D 147 9.35 -55.18 -30.98
C ASP D 147 9.74 -54.50 -32.30
N SER D 148 10.28 -53.27 -32.21
CA SER D 148 10.66 -52.52 -33.43
C SER D 148 12.19 -52.41 -33.46
N GLU D 149 12.72 -51.43 -34.22
CA GLU D 149 14.18 -51.23 -34.31
C GLU D 149 14.63 -50.00 -33.53
N HIS D 150 15.93 -49.67 -33.57
CA HIS D 150 16.43 -48.47 -32.88
C HIS D 150 15.92 -48.41 -31.44
N LEU D 151 16.32 -49.41 -30.69
CA LEU D 151 16.00 -49.54 -29.27
C LEU D 151 17.28 -49.38 -28.48
N GLY D 152 17.16 -48.87 -27.26
CA GLY D 152 18.35 -48.61 -26.49
C GLY D 152 19.13 -47.44 -27.01
N LYS D 153 18.47 -46.58 -27.79
CA LYS D 153 19.04 -45.36 -28.28
C LYS D 153 18.21 -44.22 -27.72
N SER D 154 18.90 -43.09 -27.55
CA SER D 154 18.23 -41.90 -27.06
C SER D 154 17.42 -41.27 -28.19
N ILE D 155 16.64 -40.25 -27.85
CA ILE D 155 15.74 -39.66 -28.85
C ILE D 155 16.46 -38.68 -29.80
N GLY D 156 17.44 -37.94 -29.29
CA GLY D 156 18.15 -36.93 -30.11
C GLY D 156 18.94 -37.60 -31.22
N GLU D 157 19.56 -38.74 -30.93
CA GLU D 157 20.41 -39.44 -31.95
C GLU D 157 19.51 -40.05 -33.03
N LEU D 158 18.21 -40.19 -32.76
CA LEU D 158 17.30 -40.84 -33.74
C LEU D 158 16.64 -39.84 -34.71
N ASN D 159 16.70 -38.53 -34.41
CA ASN D 159 16.08 -37.51 -35.22
C ASN D 159 14.63 -37.87 -35.49
N VAL D 160 13.93 -38.15 -34.38
CA VAL D 160 12.55 -38.58 -34.42
C VAL D 160 11.68 -37.57 -35.18
N TRP D 161 11.84 -36.28 -34.90
CA TRP D 161 10.96 -35.29 -35.49
C TRP D 161 11.06 -35.29 -37.02
N HIS D 162 12.25 -35.55 -37.54
CA HIS D 162 12.40 -35.71 -38.99
C HIS D 162 11.56 -36.87 -39.51
N GLN D 163 11.60 -38.02 -38.82
CA GLN D 163 10.97 -39.21 -39.36
C GLN D 163 9.51 -39.36 -38.94
N THR D 164 9.07 -38.72 -37.86
CA THR D 164 7.68 -38.77 -37.46
C THR D 164 7.00 -37.41 -37.33
N GLY D 165 7.76 -36.33 -37.21
CA GLY D 165 7.15 -35.02 -36.97
C GLY D 165 6.54 -34.85 -35.60
N ALA D 166 7.01 -35.59 -34.60
CA ALA D 166 6.44 -35.57 -33.27
C ALA D 166 7.50 -35.18 -32.25
N THR D 167 7.08 -34.46 -31.21
CA THR D 167 7.94 -34.08 -30.10
C THR D 167 7.53 -34.90 -28.89
N ILE D 168 8.44 -35.74 -28.40
CA ILE D 168 8.16 -36.57 -27.25
C ILE D 168 8.11 -35.72 -26.00
N VAL D 169 7.05 -35.87 -25.21
CA VAL D 169 6.88 -35.09 -23.99
C VAL D 169 7.02 -35.96 -22.75
N ALA D 170 6.77 -37.27 -22.86
CA ALA D 170 6.88 -38.15 -21.70
C ALA D 170 7.09 -39.58 -22.18
N ILE D 171 7.73 -40.36 -21.32
CA ILE D 171 8.00 -41.77 -21.57
C ILE D 171 7.76 -42.52 -20.27
N GLU D 172 6.90 -43.52 -20.30
CA GLU D 172 6.61 -44.37 -19.16
C GLU D 172 7.36 -45.68 -19.38
N HIS D 173 8.51 -45.83 -18.73
CA HIS D 173 9.38 -46.97 -18.93
C HIS D 173 9.28 -47.84 -17.67
N GLU D 174 8.51 -48.93 -17.80
CA GLU D 174 8.34 -49.91 -16.74
C GLU D 174 7.90 -49.29 -15.42
N GLY D 175 6.79 -48.55 -15.48
CA GLY D 175 6.16 -48.02 -14.28
C GLY D 175 6.73 -46.74 -13.71
N LYS D 176 7.52 -46.00 -14.47
CA LYS D 176 8.00 -44.69 -14.07
C LYS D 176 7.60 -43.71 -15.15
N PHE D 177 6.74 -42.76 -14.78
CA PHE D 177 6.26 -41.76 -15.72
C PHE D 177 7.31 -40.65 -15.74
N ILE D 178 7.99 -40.46 -16.87
CA ILE D 178 9.06 -39.48 -16.96
C ILE D 178 8.58 -38.38 -17.89
N VAL D 179 8.47 -37.16 -17.34
CA VAL D 179 8.08 -35.99 -18.10
C VAL D 179 9.34 -35.25 -18.54
N SER D 180 9.34 -34.79 -19.79
CA SER D 180 10.45 -34.03 -20.38
C SER D 180 11.74 -34.81 -20.19
N PRO D 181 11.93 -35.91 -20.92
CA PRO D 181 13.07 -36.80 -20.64
C PRO D 181 14.32 -36.36 -21.36
N GLY D 182 14.15 -35.53 -22.39
CA GLY D 182 15.28 -34.97 -23.11
C GLY D 182 15.82 -35.90 -24.17
N PRO D 183 16.69 -35.38 -25.02
CA PRO D 183 17.19 -36.21 -26.13
C PRO D 183 17.96 -37.43 -25.68
N PHE D 184 18.48 -37.45 -24.44
CA PHE D 184 19.29 -38.54 -23.92
C PHE D 184 18.46 -39.68 -23.34
N SER D 185 17.18 -39.80 -23.67
CA SER D 185 16.34 -40.82 -23.06
C SER D 185 16.08 -42.01 -23.99
N VAL D 186 15.95 -43.18 -23.36
CA VAL D 186 16.00 -44.47 -24.05
C VAL D 186 14.59 -45.02 -24.24
N ILE D 187 14.38 -45.67 -25.38
CA ILE D 187 13.11 -46.32 -25.70
C ILE D 187 13.36 -47.82 -25.64
N GLU D 188 12.52 -48.51 -24.87
CA GLU D 188 12.54 -49.97 -24.84
C GLU D 188 11.15 -50.50 -25.13
N GLN D 189 11.06 -51.81 -25.19
CA GLN D 189 9.80 -52.47 -25.42
C GLN D 189 8.95 -52.45 -24.16
N GLY D 190 7.68 -52.14 -24.31
CA GLY D 190 6.78 -52.10 -23.18
C GLY D 190 6.66 -50.75 -22.52
N ASP D 191 7.06 -49.68 -23.21
CA ASP D 191 6.92 -48.34 -22.65
C ASP D 191 5.66 -47.68 -23.18
N HIS D 192 5.12 -46.77 -22.37
CA HIS D 192 4.07 -45.87 -22.83
C HIS D 192 4.78 -44.61 -23.32
N ILE D 193 4.59 -44.28 -24.59
CA ILE D 193 5.28 -43.15 -25.21
C ILE D 193 4.26 -42.07 -25.50
N PHE D 194 4.44 -40.92 -24.86
CA PHE D 194 3.58 -39.77 -25.07
C PHE D 194 4.30 -38.74 -25.93
N PHE D 195 3.56 -38.14 -26.87
CA PHE D 195 4.16 -37.18 -27.79
C PHE D 195 3.07 -36.21 -28.22
N VAL D 196 3.49 -35.10 -28.82
CA VAL D 196 2.57 -34.10 -29.31
C VAL D 196 2.77 -33.91 -30.82
N GLY D 197 1.69 -33.49 -31.49
CA GLY D 197 1.61 -33.28 -32.91
C GLY D 197 0.16 -33.25 -33.33
N ASP D 198 -0.13 -33.70 -34.55
CA ASP D 198 -1.54 -33.75 -35.04
C ASP D 198 -1.95 -35.22 -35.17
N GLU D 199 -2.99 -35.49 -35.97
CA GLU D 199 -3.50 -36.89 -36.11
C GLU D 199 -2.66 -37.64 -37.15
N ASP D 200 -2.06 -36.93 -38.11
CA ASP D 200 -1.31 -37.62 -39.14
C ASP D 200 0.07 -37.94 -38.63
N VAL D 201 0.45 -37.32 -37.51
CA VAL D 201 1.68 -37.63 -36.82
C VAL D 201 1.49 -38.86 -35.93
N TYR D 202 0.29 -39.08 -35.39
CA TYR D 202 -0.01 -40.31 -34.67
C TYR D 202 0.16 -41.53 -35.56
N ALA D 203 -0.47 -41.49 -36.74
CA ALA D 203 -0.28 -42.55 -37.73
C ALA D 203 1.18 -42.69 -38.11
N ARG D 204 1.88 -41.57 -38.30
CA ARG D 204 3.29 -41.62 -38.68
C ARG D 204 4.13 -42.30 -37.60
N MSE D 205 3.92 -41.96 -36.34
CA MSE D 205 4.57 -42.63 -35.22
C MSE D 205 4.31 -44.12 -35.25
O MSE D 205 5.24 -44.94 -35.10
CB MSE D 205 4.08 -42.06 -33.87
CG MSE D 205 4.82 -40.83 -33.34
SE MSE D 205 6.68 -41.18 -32.88
CE MSE D 205 6.71 -40.54 -31.04
N LYS D 206 3.04 -44.48 -35.44
CA LYS D 206 2.64 -45.89 -35.46
C LYS D 206 3.37 -46.65 -36.56
N THR D 207 3.20 -46.21 -37.81
CA THR D 207 3.89 -46.85 -38.94
C THR D 207 5.41 -46.85 -38.73
N TYR D 208 5.95 -45.85 -38.05
CA TYR D 208 7.37 -45.77 -37.81
C TYR D 208 7.85 -46.86 -36.86
N PHE D 209 7.06 -47.15 -35.84
CA PHE D 209 7.44 -48.13 -34.83
C PHE D 209 6.88 -49.53 -35.11
N ASN D 210 6.52 -49.78 -36.39
CA ASN D 210 6.05 -51.13 -36.85
C ASN D 210 4.84 -51.65 -36.08
N LEU D 211 4.00 -50.74 -35.64
CA LEU D 211 2.77 -51.21 -34.93
C LEU D 211 1.60 -51.34 -35.92
N ARG D 212 1.24 -50.29 -36.55
CA ARG D 212 0.08 -50.29 -37.46
C ARG D 212 0.45 -49.70 -38.82
#